data_3WJ7
#
_entry.id   3WJ7
#
_cell.length_a   127.026
_cell.length_b   159.253
_cell.length_c   125.402
_cell.angle_alpha   90.00
_cell.angle_beta   90.00
_cell.angle_gamma   90.00
#
_symmetry.space_group_name_H-M   'C 2 2 21'
#
loop_
_entity.id
_entity.type
_entity.pdbx_description
1 polymer 'Putative oxidoreductase'
2 non-polymer 'MERCURY (II) ION'
3 water water
#
_entity_poly.entity_id   1
_entity_poly.type   'polypeptide(L)'
_entity_poly.pdbx_seq_one_letter_code
;GSHMTQGDSATMNDVTLVTGATGFVGSAVARVLEERGHRLRLLVRPTSDRSNIAELNAELAVGDLSDPDTLAPALKGVKI
LFHVAADYRLWVPDPETMMKANVEGTRNLMLAALEAGVEKIIYCSSVAALGLRSDGVPADETTPVSESQVIGIYKLSKYR
AEQEVLRLIREKNLPAIIVNPSTPVGPRDIKPTPTGQMILDCASGNMPAYVETGLNIVHVDDVAEGHALALERGKIGEKY
ILGGENIMLGDLFRMVSQIAGVKPPAVKLKQSWLYPVALVSEWLARGFGIEPRVTRETLAMSKKLMFFSSDKAKKELGYA
PRPARDAVTDAIAWFRQHGRMK
;
_entity_poly.pdbx_strand_id   A,B,C
#
# COMPACT_ATOMS: atom_id res chain seq x y z
N ASN A 13 -8.03 41.46 0.59
CA ASN A 13 -9.09 41.77 1.61
C ASN A 13 -10.44 41.10 1.28
N ASP A 14 -10.60 40.72 0.00
CA ASP A 14 -11.88 40.47 -0.61
C ASP A 14 -11.77 39.33 -1.60
N VAL A 15 -10.69 38.56 -1.47
CA VAL A 15 -10.43 37.46 -2.41
C VAL A 15 -11.01 36.14 -1.90
N THR A 16 -11.66 35.41 -2.81
CA THR A 16 -12.10 34.05 -2.62
C THR A 16 -11.10 33.09 -3.31
N LEU A 17 -10.42 32.27 -2.52
CA LEU A 17 -9.51 31.24 -3.08
C LEU A 17 -10.25 29.91 -3.23
N VAL A 18 -10.29 29.33 -4.43
CA VAL A 18 -10.80 27.96 -4.57
C VAL A 18 -9.70 27.05 -5.02
N THR A 19 -9.58 25.86 -4.42
CA THR A 19 -8.57 24.89 -4.84
C THR A 19 -9.32 23.85 -5.62
N GLY A 20 -8.62 22.97 -6.32
CA GLY A 20 -9.27 21.97 -7.14
C GLY A 20 -10.17 22.48 -8.27
N ALA A 21 -9.91 23.68 -8.78
CA ALA A 21 -10.78 24.31 -9.77
C ALA A 21 -10.75 23.70 -11.16
N THR A 22 -9.72 22.91 -11.48
CA THR A 22 -9.67 22.20 -12.78
C THR A 22 -10.54 20.93 -12.77
N GLY A 23 -10.94 20.44 -11.59
CA GLY A 23 -11.83 19.30 -11.53
C GLY A 23 -13.29 19.57 -11.92
N PHE A 24 -14.04 18.48 -11.94
CA PHE A 24 -15.43 18.44 -12.31
C PHE A 24 -16.23 19.32 -11.33
N VAL A 25 -16.09 19.06 -10.04
CA VAL A 25 -16.77 19.87 -9.02
C VAL A 25 -16.15 21.26 -8.77
N GLY A 26 -14.83 21.29 -8.65
CA GLY A 26 -14.09 22.52 -8.45
C GLY A 26 -14.44 23.56 -9.49
N SER A 27 -14.49 23.16 -10.75
CA SER A 27 -14.79 24.21 -11.71
C SER A 27 -16.25 24.61 -11.71
N ALA A 28 -17.13 23.68 -11.39
CA ALA A 28 -18.49 24.10 -11.38
C ALA A 28 -18.76 25.03 -10.17
N VAL A 29 -18.07 24.75 -9.06
CA VAL A 29 -18.13 25.60 -7.89
C VAL A 29 -17.61 26.99 -8.27
N ALA A 30 -16.49 27.02 -9.00
CA ALA A 30 -15.89 28.28 -9.40
C ALA A 30 -16.88 29.14 -10.20
N ARG A 31 -17.53 28.55 -11.20
CA ARG A 31 -18.47 29.29 -12.06
C ARG A 31 -19.55 29.94 -11.21
N VAL A 32 -20.10 29.19 -10.26
CA VAL A 32 -21.18 29.70 -9.41
C VAL A 32 -20.73 30.94 -8.61
N LEU A 33 -19.58 30.83 -7.97
CA LEU A 33 -18.96 31.93 -7.24
C LEU A 33 -18.76 33.15 -8.12
N GLU A 34 -18.30 32.91 -9.35
CA GLU A 34 -18.10 33.97 -10.31
C GLU A 34 -19.42 34.71 -10.63
N GLU A 35 -20.51 33.97 -10.87
CA GLU A 35 -21.81 34.55 -11.23
C GLU A 35 -22.43 35.28 -10.03
N ARG A 36 -22.05 34.84 -8.84
CA ARG A 36 -22.32 35.58 -7.62
C ARG A 36 -21.36 36.79 -7.35
N GLY A 37 -20.40 37.04 -8.27
CA GLY A 37 -19.39 38.11 -8.16
C GLY A 37 -18.35 38.13 -7.02
N HIS A 38 -17.81 36.98 -6.63
CA HIS A 38 -16.60 36.96 -5.82
C HIS A 38 -15.42 37.29 -6.70
N ARG A 39 -14.36 37.81 -6.11
CA ARG A 39 -13.10 37.90 -6.83
C ARG A 39 -12.36 36.58 -6.61
N LEU A 40 -12.08 35.88 -7.70
CA LEU A 40 -11.45 34.58 -7.61
C LEU A 40 -9.92 34.53 -7.74
N ARG A 41 -9.31 33.68 -6.93
CA ARG A 41 -7.95 33.21 -7.16
C ARG A 41 -8.01 31.66 -7.20
N LEU A 42 -7.35 31.04 -8.15
CA LEU A 42 -7.50 29.60 -8.32
C LEU A 42 -6.17 28.95 -8.06
N LEU A 43 -6.06 28.09 -7.07
CA LEU A 43 -4.80 27.39 -6.87
C LEU A 43 -4.76 26.25 -7.87
N VAL A 44 -3.65 26.15 -8.58
CA VAL A 44 -3.40 25.06 -9.53
C VAL A 44 -1.99 24.46 -9.31
N ARG A 45 -1.83 23.20 -9.74
CA ARG A 45 -0.54 22.49 -9.68
C ARG A 45 0.46 22.92 -10.76
N PRO A 46 1.79 22.84 -10.47
CA PRO A 46 2.86 23.00 -11.48
C PRO A 46 2.58 22.26 -12.80
N THR A 47 2.09 21.02 -12.68
CA THR A 47 1.59 20.20 -13.81
C THR A 47 0.34 20.82 -14.47
N SER A 48 -0.84 20.28 -14.13
CA SER A 48 -2.17 20.91 -14.32
C SER A 48 -2.59 21.43 -15.69
N ASP A 49 -3.89 21.34 -15.98
CA ASP A 49 -4.42 21.74 -17.26
C ASP A 49 -5.61 22.75 -17.20
N ARG A 50 -5.35 23.96 -17.70
CA ARG A 50 -6.24 25.13 -17.57
C ARG A 50 -7.38 25.23 -18.58
N SER A 51 -7.94 24.09 -18.99
CA SER A 51 -8.89 24.04 -20.10
C SER A 51 -10.31 24.52 -19.79
N ASN A 52 -10.92 24.02 -18.71
CA ASN A 52 -12.23 24.55 -18.31
C ASN A 52 -12.08 25.72 -17.31
N ILE A 53 -10.95 26.41 -17.48
CA ILE A 53 -10.52 27.52 -16.63
C ILE A 53 -10.59 28.84 -17.37
N ALA A 54 -9.87 28.98 -18.49
CA ALA A 54 -9.67 30.31 -19.11
C ALA A 54 -10.97 31.12 -19.19
N GLU A 55 -12.10 30.42 -19.29
CA GLU A 55 -13.46 30.96 -19.07
C GLU A 55 -13.60 31.97 -17.92
N LEU A 56 -12.84 31.78 -16.85
CA LEU A 56 -12.95 32.62 -15.67
C LEU A 56 -11.86 33.67 -15.64
N ASN A 57 -12.25 34.92 -15.55
CA ASN A 57 -11.27 35.96 -15.26
C ASN A 57 -10.91 35.69 -13.81
N ALA A 58 -9.68 35.26 -13.60
CA ALA A 58 -9.27 34.79 -12.29
C ALA A 58 -7.77 34.93 -12.05
N GLU A 59 -7.40 35.38 -10.86
CA GLU A 59 -5.99 35.27 -10.49
C GLU A 59 -5.64 33.77 -10.39
N LEU A 60 -4.45 33.44 -10.87
CA LEU A 60 -3.97 32.10 -10.75
C LEU A 60 -2.79 32.08 -9.79
N ALA A 61 -2.91 31.29 -8.74
CA ALA A 61 -1.77 30.98 -7.87
C ALA A 61 -1.34 29.55 -8.12
N VAL A 62 -0.03 29.36 -8.20
CA VAL A 62 0.60 28.06 -8.37
C VAL A 62 1.14 27.60 -7.00
N GLY A 63 0.88 26.35 -6.65
CA GLY A 63 1.19 25.81 -5.33
C GLY A 63 0.88 24.32 -5.28
N ASP A 64 1.08 23.75 -4.10
CA ASP A 64 1.07 22.33 -3.93
C ASP A 64 0.87 22.08 -2.45
N LEU A 65 -0.21 21.40 -2.11
CA LEU A 65 -0.66 21.18 -0.75
C LEU A 65 0.34 20.49 0.21
N SER A 66 1.18 19.62 -0.34
CA SER A 66 2.20 18.94 0.46
C SER A 66 3.35 19.86 0.95
N ASP A 67 3.49 21.05 0.39
CA ASP A 67 4.51 22.03 0.82
C ASP A 67 3.96 23.39 1.21
N PRO A 68 3.80 23.60 2.53
CA PRO A 68 3.20 24.77 3.22
C PRO A 68 3.81 26.15 2.89
N ASP A 69 4.95 26.16 2.20
CA ASP A 69 5.60 27.43 1.83
C ASP A 69 4.91 28.11 0.65
N THR A 70 4.43 27.33 -0.32
CA THR A 70 3.77 27.88 -1.52
C THR A 70 2.32 28.28 -1.26
N LEU A 71 1.81 27.92 -0.08
CA LEU A 71 0.42 28.22 0.27
C LEU A 71 0.23 29.60 0.85
N ALA A 72 1.17 30.07 1.68
CA ALA A 72 1.06 31.41 2.25
C ALA A 72 0.89 32.52 1.15
N PRO A 73 1.76 32.50 0.11
CA PRO A 73 1.61 33.38 -1.05
C PRO A 73 0.22 33.33 -1.65
N ALA A 74 -0.35 32.14 -1.75
CA ALA A 74 -1.67 32.01 -2.39
C ALA A 74 -2.78 32.50 -1.48
N LEU A 75 -2.60 32.42 -0.17
CA LEU A 75 -3.60 32.83 0.77
C LEU A 75 -3.43 34.32 1.20
N LYS A 76 -2.38 34.99 0.73
CA LYS A 76 -2.29 36.44 1.01
C LYS A 76 -3.51 37.22 0.48
N GLY A 77 -4.17 37.95 1.37
CA GLY A 77 -5.31 38.82 1.04
C GLY A 77 -6.62 38.08 0.86
N VAL A 78 -6.65 36.81 1.29
CA VAL A 78 -7.82 35.91 1.07
C VAL A 78 -8.83 35.89 2.25
N LYS A 79 -10.10 36.19 2.01
CA LYS A 79 -11.08 36.21 3.08
C LYS A 79 -11.77 34.83 3.25
N ILE A 80 -11.96 34.15 2.12
CA ILE A 80 -12.78 32.94 1.99
C ILE A 80 -12.07 31.87 1.14
N LEU A 81 -12.10 30.67 1.67
CA LEU A 81 -11.48 29.53 1.07
C LEU A 81 -12.53 28.42 0.87
N PHE A 82 -12.61 27.98 -0.39
CA PHE A 82 -13.28 26.76 -0.81
C PHE A 82 -12.22 25.69 -1.10
N HIS A 83 -12.14 24.68 -0.27
CA HIS A 83 -11.19 23.59 -0.52
C HIS A 83 -11.91 22.48 -1.23
N VAL A 84 -11.70 22.33 -2.51
CA VAL A 84 -12.29 21.20 -3.21
C VAL A 84 -11.20 20.22 -3.68
N ALA A 85 -11.37 18.92 -3.42
CA ALA A 85 -10.40 17.89 -3.87
C ALA A 85 -10.05 18.03 -5.35
N ALA A 86 -8.75 17.94 -5.68
CA ALA A 86 -8.27 18.10 -7.08
C ALA A 86 -8.98 17.13 -8.05
N ASP A 87 -8.97 15.85 -7.66
CA ASP A 87 -9.74 14.83 -8.36
C ASP A 87 -10.85 14.28 -7.47
N TYR A 88 -11.54 13.28 -8.03
CA TYR A 88 -12.69 12.62 -7.46
C TYR A 88 -12.51 11.15 -7.90
N ARG A 89 -11.98 10.31 -7.01
CA ARG A 89 -11.70 8.89 -7.31
C ARG A 89 -10.68 8.61 -8.46
N LEU A 90 -9.68 9.49 -8.65
CA LEU A 90 -8.53 9.24 -9.55
C LEU A 90 -7.77 7.97 -9.15
N TRP A 91 -7.85 6.94 -10.00
CA TRP A 91 -7.09 5.72 -9.80
C TRP A 91 -5.57 6.05 -9.74
N VAL A 92 -4.83 5.32 -8.90
CA VAL A 92 -3.38 5.51 -8.78
C VAL A 92 -2.71 4.18 -8.49
N PRO A 93 -1.46 4.04 -8.90
CA PRO A 93 -0.67 2.84 -8.50
C PRO A 93 -0.38 2.78 -7.00
N ASP A 94 -0.36 3.94 -6.32
CA ASP A 94 0.06 4.05 -4.91
C ASP A 94 -1.04 4.56 -3.95
N PRO A 95 -2.14 3.81 -3.79
CA PRO A 95 -3.25 4.47 -3.09
C PRO A 95 -2.95 4.87 -1.63
N GLU A 96 -2.02 4.21 -0.96
CA GLU A 96 -1.84 4.48 0.46
C GLU A 96 -1.00 5.70 0.59
N THR A 97 -0.12 5.88 -0.36
CA THR A 97 0.71 7.06 -0.39
C THR A 97 -0.19 8.25 -0.75
N MET A 98 -1.19 8.08 -1.61
CA MET A 98 -2.02 9.22 -2.01
C MET A 98 -2.91 9.66 -0.86
N MET A 99 -3.44 8.69 -0.12
CA MET A 99 -4.21 8.99 1.06
C MET A 99 -3.40 9.77 2.11
N LYS A 100 -2.15 9.43 2.36
CA LYS A 100 -1.36 10.25 3.25
C LYS A 100 -1.19 11.68 2.71
N ALA A 101 -0.85 11.81 1.45
CA ALA A 101 -0.60 13.11 0.88
C ALA A 101 -1.92 13.94 0.91
N ASN A 102 -3.06 13.30 0.74
CA ASN A 102 -4.28 14.06 0.70
C ASN A 102 -4.72 14.44 2.11
N VAL A 103 -4.48 13.55 3.07
CA VAL A 103 -4.82 13.88 4.43
C VAL A 103 -3.92 15.02 4.94
N GLU A 104 -2.61 14.88 4.74
CA GLU A 104 -1.68 15.91 5.13
C GLU A 104 -1.86 17.18 4.37
N GLY A 105 -2.20 17.09 3.08
CA GLY A 105 -2.38 18.27 2.23
C GLY A 105 -3.50 19.18 2.75
N THR A 106 -4.60 18.55 3.10
CA THR A 106 -5.74 19.21 3.70
C THR A 106 -5.39 19.87 5.05
N ARG A 107 -4.61 19.17 5.86
CA ARG A 107 -4.11 19.71 7.10
C ARG A 107 -3.22 20.95 6.77
N ASN A 108 -2.24 20.82 5.87
CA ASN A 108 -1.44 21.99 5.57
C ASN A 108 -2.36 23.20 5.11
N LEU A 109 -3.29 22.92 4.20
CA LEU A 109 -4.10 23.97 3.69
C LEU A 109 -4.88 24.63 4.85
N MET A 110 -5.53 23.80 5.67
CA MET A 110 -6.30 24.30 6.80
C MET A 110 -5.46 25.11 7.81
N LEU A 111 -4.30 24.58 8.20
CA LEU A 111 -3.42 25.32 9.07
C LEU A 111 -2.93 26.61 8.43
N ALA A 112 -2.58 26.58 7.14
CA ALA A 112 -2.14 27.79 6.42
C ALA A 112 -3.19 28.88 6.35
N ALA A 113 -4.44 28.50 6.10
CA ALA A 113 -5.58 29.46 6.03
C ALA A 113 -5.86 30.09 7.40
N LEU A 114 -5.62 29.28 8.42
CA LEU A 114 -5.76 29.69 9.79
C LEU A 114 -4.70 30.74 10.04
N GLU A 115 -3.45 30.38 9.76
CA GLU A 115 -2.31 31.27 9.85
C GLU A 115 -2.44 32.58 9.03
N ALA A 116 -2.99 32.52 7.81
CA ALA A 116 -3.17 33.75 7.01
C ALA A 116 -4.36 34.59 7.50
N GLY A 117 -5.12 34.06 8.45
CA GLY A 117 -6.29 34.77 8.95
C GLY A 117 -7.50 34.75 8.04
N VAL A 118 -7.63 33.73 7.16
CA VAL A 118 -8.88 33.49 6.39
C VAL A 118 -10.07 33.45 7.33
N GLU A 119 -11.17 34.10 6.97
CA GLU A 119 -12.31 34.26 7.88
C GLU A 119 -13.25 33.09 7.79
N LYS A 120 -13.40 32.56 6.59
CA LYS A 120 -14.31 31.44 6.40
C LYS A 120 -13.80 30.41 5.38
N ILE A 121 -13.95 29.13 5.77
CA ILE A 121 -13.45 28.03 4.98
C ILE A 121 -14.62 27.13 4.70
N ILE A 122 -14.81 26.78 3.45
CA ILE A 122 -15.78 25.75 3.15
C ILE A 122 -15.02 24.54 2.63
N TYR A 123 -15.19 23.44 3.36
CA TYR A 123 -14.49 22.24 3.05
C TYR A 123 -15.40 21.27 2.31
N CYS A 124 -14.93 20.86 1.11
CA CYS A 124 -15.68 19.90 0.33
C CYS A 124 -15.27 18.52 0.72
N SER A 125 -16.20 17.76 1.27
CA SER A 125 -15.87 16.42 1.70
C SER A 125 -16.75 15.49 0.93
N SER A 126 -17.36 14.47 1.49
CA SER A 126 -18.18 13.63 0.63
C SER A 126 -18.99 12.71 1.46
N VAL A 127 -20.07 12.19 0.87
CA VAL A 127 -20.82 11.16 1.61
C VAL A 127 -19.94 9.94 1.93
N ALA A 128 -18.80 9.77 1.22
CA ALA A 128 -17.93 8.62 1.50
C ALA A 128 -17.32 8.69 2.91
N ALA A 129 -17.20 9.88 3.45
CA ALA A 129 -16.80 10.08 4.84
C ALA A 129 -17.88 9.77 5.87
N LEU A 130 -19.12 9.48 5.44
CA LEU A 130 -20.23 9.42 6.39
C LEU A 130 -20.64 7.98 6.74
N GLY A 131 -21.58 7.83 7.69
CA GLY A 131 -22.01 6.49 8.14
C GLY A 131 -23.13 5.94 7.28
N LEU A 132 -23.37 4.64 7.38
CA LEU A 132 -24.50 4.00 6.69
C LEU A 132 -25.45 3.26 7.61
N ARG A 133 -26.70 3.21 7.16
CA ARG A 133 -27.73 2.41 7.79
C ARG A 133 -27.83 1.02 7.15
N SER A 134 -28.39 0.05 7.87
CA SER A 134 -28.48 -1.31 7.35
C SER A 134 -29.87 -1.63 6.84
N ASP A 135 -30.86 -1.03 7.46
CA ASP A 135 -32.27 -1.21 7.12
C ASP A 135 -32.67 -0.47 5.82
N GLY A 136 -31.70 0.12 5.13
CA GLY A 136 -31.98 0.76 3.84
C GLY A 136 -32.76 2.06 3.91
N VAL A 137 -32.91 2.62 5.12
CA VAL A 137 -33.42 3.98 5.31
C VAL A 137 -32.26 4.97 5.11
N PRO A 138 -32.48 6.04 4.33
CA PRO A 138 -31.37 6.94 3.93
C PRO A 138 -30.57 7.51 5.12
N ALA A 139 -29.25 7.55 5.00
CA ALA A 139 -28.41 7.94 6.13
C ALA A 139 -28.36 9.46 6.17
N ASP A 140 -27.84 10.01 7.27
CA ASP A 140 -27.70 11.48 7.38
C ASP A 140 -26.41 11.90 8.15
N GLU A 141 -26.27 13.18 8.43
CA GLU A 141 -25.09 13.71 9.14
C GLU A 141 -24.87 13.15 10.55
N THR A 142 -25.89 12.50 11.13
CA THR A 142 -25.88 11.98 12.52
C THR A 142 -25.55 10.50 12.62
N THR A 143 -25.63 9.79 11.49
CA THR A 143 -25.47 8.34 11.46
C THR A 143 -24.06 8.01 12.01
N PRO A 144 -23.97 7.10 13.00
CA PRO A 144 -22.60 6.87 13.53
C PRO A 144 -21.69 6.25 12.50
N VAL A 145 -20.42 6.65 12.51
CA VAL A 145 -19.43 6.06 11.64
C VAL A 145 -18.28 5.64 12.46
N SER A 146 -17.71 4.50 12.16
CA SER A 146 -16.48 4.16 12.84
C SER A 146 -15.43 3.76 11.80
N GLU A 147 -14.16 4.16 12.01
CA GLU A 147 -13.02 3.66 11.19
C GLU A 147 -13.10 2.19 10.83
N SER A 148 -13.54 1.36 11.77
CA SER A 148 -13.53 -0.09 11.55
C SER A 148 -14.59 -0.53 10.55
N GLN A 149 -15.52 0.34 10.19
CA GLN A 149 -16.42 -0.06 9.14
C GLN A 149 -16.19 0.58 7.77
N VAL A 150 -15.04 1.21 7.57
CA VAL A 150 -14.79 1.80 6.25
C VAL A 150 -13.99 0.83 5.38
N ILE A 151 -14.34 0.73 4.10
CA ILE A 151 -13.98 -0.46 3.36
C ILE A 151 -12.81 -0.29 2.39
N GLY A 152 -12.75 0.84 1.68
CA GLY A 152 -11.63 1.03 0.75
C GLY A 152 -10.77 2.25 1.05
N ILE A 153 -9.72 2.41 0.28
CA ILE A 153 -8.81 3.47 0.53
C ILE A 153 -9.48 4.77 0.15
N TYR A 154 -10.29 4.79 -0.90
CA TYR A 154 -10.97 6.00 -1.30
C TYR A 154 -11.82 6.54 -0.15
N LYS A 155 -12.63 5.71 0.44
CA LYS A 155 -13.49 6.17 1.49
C LYS A 155 -12.66 6.48 2.72
N LEU A 156 -11.68 5.63 3.06
CA LEU A 156 -10.83 5.81 4.26
C LEU A 156 -10.14 7.13 4.22
N SER A 157 -9.65 7.46 3.04
CA SER A 157 -9.05 8.75 2.79
C SER A 157 -10.07 9.91 3.03
N LYS A 158 -11.31 9.75 2.55
CA LYS A 158 -12.22 10.86 2.74
C LYS A 158 -12.56 10.94 4.22
N TYR A 159 -12.70 9.78 4.87
CA TYR A 159 -13.01 9.74 6.28
C TYR A 159 -11.90 10.40 7.11
N ARG A 160 -10.65 9.97 6.94
CA ARG A 160 -9.57 10.54 7.72
C ARG A 160 -9.44 12.04 7.53
N ALA A 161 -9.57 12.48 6.29
CA ALA A 161 -9.46 13.92 5.98
C ALA A 161 -10.58 14.69 6.68
N GLU A 162 -11.80 14.19 6.56
CA GLU A 162 -12.88 14.88 7.25
C GLU A 162 -12.59 14.91 8.75
N GLN A 163 -12.10 13.81 9.33
CA GLN A 163 -11.85 13.81 10.79
C GLN A 163 -10.81 14.86 11.15
N GLU A 164 -9.81 15.06 10.29
CA GLU A 164 -8.85 16.10 10.50
C GLU A 164 -9.50 17.49 10.59
N VAL A 165 -10.36 17.80 9.64
CA VAL A 165 -11.02 19.07 9.66
C VAL A 165 -11.80 19.19 10.98
N LEU A 166 -12.57 18.18 11.36
CA LEU A 166 -13.33 18.28 12.64
C LEU A 166 -12.41 18.48 13.86
N ARG A 167 -11.18 17.96 13.80
CA ARG A 167 -10.25 18.10 14.93
C ARG A 167 -9.81 19.57 14.96
N LEU A 168 -9.43 20.11 13.81
CA LEU A 168 -9.05 21.50 13.73
C LEU A 168 -10.17 22.47 14.02
N ILE A 169 -11.41 22.10 13.72
CA ILE A 169 -12.52 22.97 14.07
C ILE A 169 -12.63 23.07 15.62
N ARG A 170 -12.45 21.94 16.30
CA ARG A 170 -12.61 21.90 17.76
C ARG A 170 -11.36 22.38 18.51
N GLU A 171 -10.20 21.91 18.10
CA GLU A 171 -9.02 22.20 18.87
C GLU A 171 -8.42 23.58 18.60
N LYS A 172 -8.71 24.15 17.45
CA LYS A 172 -8.00 25.35 17.04
C LYS A 172 -8.94 26.37 16.45
N ASN A 173 -10.24 26.15 16.59
CA ASN A 173 -11.25 27.14 16.13
C ASN A 173 -11.10 27.58 14.66
N LEU A 174 -10.76 26.60 13.82
CA LEU A 174 -10.83 26.70 12.36
C LEU A 174 -12.28 27.12 11.87
N PRO A 175 -12.37 28.20 11.12
CA PRO A 175 -13.74 28.64 10.89
C PRO A 175 -14.34 27.90 9.69
N ALA A 176 -14.39 26.58 9.77
CA ALA A 176 -14.79 25.74 8.62
C ALA A 176 -16.21 25.21 8.70
N ILE A 177 -16.86 25.21 7.56
CA ILE A 177 -18.15 24.60 7.36
C ILE A 177 -17.92 23.47 6.37
N ILE A 178 -18.48 22.29 6.66
CA ILE A 178 -18.32 21.10 5.82
C ILE A 178 -19.54 20.74 4.99
N VAL A 179 -19.26 20.39 3.74
CA VAL A 179 -20.20 19.98 2.75
C VAL A 179 -19.81 18.53 2.33
N ASN A 180 -20.81 17.68 2.14
CA ASN A 180 -20.66 16.29 1.76
C ASN A 180 -21.52 16.00 0.49
N PRO A 181 -21.00 16.28 -0.69
CA PRO A 181 -21.70 15.92 -1.93
C PRO A 181 -21.85 14.40 -2.08
N SER A 182 -22.94 13.97 -2.72
CA SER A 182 -23.09 12.56 -3.07
C SER A 182 -22.33 12.36 -4.38
N THR A 183 -22.88 11.62 -5.32
CA THR A 183 -22.15 11.37 -6.54
C THR A 183 -22.61 12.21 -7.72
N PRO A 184 -21.78 13.20 -8.11
CA PRO A 184 -22.25 14.23 -9.03
C PRO A 184 -22.17 13.78 -10.46
N VAL A 185 -23.23 14.07 -11.23
CA VAL A 185 -23.32 13.75 -12.62
C VAL A 185 -23.73 15.04 -13.28
N GLY A 186 -23.34 15.22 -14.53
CA GLY A 186 -23.79 16.36 -15.30
C GLY A 186 -22.94 16.67 -16.49
N PRO A 187 -23.10 17.88 -17.03
CA PRO A 187 -22.34 18.23 -18.23
C PRO A 187 -20.90 18.54 -17.87
N ARG A 188 -20.04 18.58 -18.88
CA ARG A 188 -18.61 18.91 -18.70
C ARG A 188 -17.85 17.85 -17.91
N ASP A 189 -18.17 16.59 -18.14
CA ASP A 189 -17.51 15.54 -17.43
C ASP A 189 -16.37 15.05 -18.31
N ILE A 190 -15.29 15.83 -18.26
CA ILE A 190 -14.23 15.85 -19.24
C ILE A 190 -13.33 14.61 -19.18
N LYS A 191 -12.92 14.22 -17.99
CA LYS A 191 -12.06 13.07 -17.83
C LYS A 191 -12.75 11.75 -18.13
N PRO A 192 -14.10 11.77 -18.07
CA PRO A 192 -15.18 11.24 -17.27
C PRO A 192 -14.70 10.73 -15.93
N THR A 193 -15.27 11.26 -14.86
CA THR A 193 -15.41 10.54 -13.58
C THR A 193 -15.82 9.07 -13.82
N PRO A 194 -15.65 8.20 -12.82
CA PRO A 194 -16.14 6.80 -12.93
C PRO A 194 -17.63 6.66 -13.30
N THR A 195 -18.49 7.40 -12.61
CA THR A 195 -19.93 7.41 -12.89
C THR A 195 -20.25 7.92 -14.32
N GLY A 196 -19.56 8.98 -14.76
CA GLY A 196 -19.64 9.38 -16.17
C GLY A 196 -19.26 8.25 -17.15
N GLN A 197 -18.24 7.45 -16.80
CA GLN A 197 -17.69 6.49 -17.73
C GLN A 197 -18.72 5.40 -17.82
N MET A 198 -19.30 5.04 -16.67
CA MET A 198 -20.46 4.11 -16.69
C MET A 198 -21.62 4.59 -17.57
N ILE A 199 -21.92 5.88 -17.51
CA ILE A 199 -23.07 6.41 -18.27
C ILE A 199 -22.73 6.37 -19.74
N LEU A 200 -21.51 6.77 -20.07
CA LEU A 200 -20.97 6.66 -21.42
C LEU A 200 -20.99 5.19 -21.95
N ASP A 201 -20.44 4.23 -21.21
CA ASP A 201 -20.40 2.83 -21.67
C ASP A 201 -21.78 2.36 -21.99
N CYS A 202 -22.70 2.69 -21.08
CA CYS A 202 -24.08 2.32 -21.18
C CYS A 202 -24.80 2.98 -22.38
N ALA A 203 -24.73 4.30 -22.48
CA ALA A 203 -25.35 5.02 -23.59
C ALA A 203 -24.87 4.52 -24.96
N SER A 204 -23.74 3.83 -24.95
CA SER A 204 -23.00 3.45 -26.16
C SER A 204 -23.31 2.04 -26.51
N GLY A 205 -23.95 1.32 -25.59
CA GLY A 205 -24.27 -0.08 -25.82
C GLY A 205 -23.23 -1.09 -25.34
N ASN A 206 -22.05 -0.62 -24.91
CA ASN A 206 -20.95 -1.54 -24.55
C ASN A 206 -20.86 -1.93 -23.08
N MET A 207 -21.96 -1.87 -22.34
CA MET A 207 -21.93 -2.31 -20.95
C MET A 207 -22.86 -3.49 -20.72
N PRO A 208 -22.33 -4.71 -20.91
CA PRO A 208 -23.19 -5.88 -20.96
C PRO A 208 -23.67 -6.32 -19.57
N ALA A 209 -22.83 -6.07 -18.56
CA ALA A 209 -23.06 -6.56 -17.20
C ALA A 209 -22.73 -5.48 -16.20
N TYR A 210 -23.22 -5.69 -14.98
CA TYR A 210 -23.02 -4.76 -13.89
C TYR A 210 -23.49 -5.43 -12.62
N VAL A 211 -22.99 -4.94 -11.50
CA VAL A 211 -23.31 -5.43 -10.17
C VAL A 211 -24.24 -4.41 -9.54
N GLU A 212 -25.38 -4.89 -9.08
CA GLU A 212 -26.44 -4.04 -8.53
C GLU A 212 -25.93 -3.35 -7.28
N THR A 213 -26.34 -2.11 -7.12
CA THR A 213 -26.22 -1.41 -5.85
C THR A 213 -26.95 -0.08 -5.83
N GLY A 214 -26.89 0.60 -4.68
CA GLY A 214 -27.63 1.82 -4.46
C GLY A 214 -26.69 2.98 -4.31
N LEU A 215 -27.02 4.09 -4.94
CA LEU A 215 -26.23 5.29 -4.78
C LEU A 215 -27.18 6.47 -4.77
N ASN A 216 -26.62 7.65 -4.60
CA ASN A 216 -27.35 8.86 -4.61
C ASN A 216 -26.67 9.71 -5.65
N ILE A 217 -27.43 10.12 -6.67
CA ILE A 217 -26.95 11.00 -7.74
C ILE A 217 -27.43 12.44 -7.59
N VAL A 218 -26.57 13.38 -7.95
CA VAL A 218 -26.81 14.77 -7.70
C VAL A 218 -26.24 15.54 -8.84
N HIS A 219 -26.99 16.51 -9.32
CA HIS A 219 -26.50 17.33 -10.41
C HIS A 219 -25.27 18.06 -9.90
N VAL A 220 -24.22 18.07 -10.71
CA VAL A 220 -22.96 18.76 -10.41
C VAL A 220 -23.20 20.24 -10.13
N ASP A 221 -24.13 20.84 -10.85
CA ASP A 221 -24.46 22.29 -10.65
C ASP A 221 -25.20 22.52 -9.34
N ASP A 222 -25.83 21.48 -8.84
CA ASP A 222 -26.51 21.58 -7.57
C ASP A 222 -25.54 21.45 -6.46
N VAL A 223 -24.53 20.58 -6.60
CA VAL A 223 -23.42 20.54 -5.67
C VAL A 223 -22.80 21.92 -5.57
N ALA A 224 -22.54 22.50 -6.74
CA ALA A 224 -21.88 23.79 -6.84
C ALA A 224 -22.66 24.86 -6.10
N GLU A 225 -23.96 24.91 -6.38
CA GLU A 225 -24.80 25.94 -5.82
C GLU A 225 -24.80 25.72 -4.30
N GLY A 226 -24.93 24.47 -3.89
CA GLY A 226 -24.95 24.14 -2.47
C GLY A 226 -23.71 24.62 -1.72
N HIS A 227 -22.55 24.67 -2.38
CA HIS A 227 -21.37 25.25 -1.76
C HIS A 227 -21.60 26.74 -1.49
N ALA A 228 -22.25 27.44 -2.43
CA ALA A 228 -22.43 28.88 -2.25
C ALA A 228 -23.36 29.13 -1.07
N LEU A 229 -24.41 28.31 -1.00
CA LEU A 229 -25.40 28.36 0.10
C LEU A 229 -24.79 28.07 1.43
N ALA A 230 -23.77 27.20 1.47
CA ALA A 230 -23.12 26.92 2.75
C ALA A 230 -22.27 28.11 3.20
N LEU A 231 -21.64 28.80 2.25
CA LEU A 231 -20.97 30.06 2.53
C LEU A 231 -21.95 31.12 3.03
N GLU A 232 -23.15 31.20 2.44
CA GLU A 232 -24.11 32.26 2.83
C GLU A 232 -24.85 31.97 4.13
N ARG A 233 -25.38 30.75 4.32
CA ARG A 233 -26.29 30.46 5.45
C ARG A 233 -25.86 29.32 6.36
N GLY A 234 -24.66 28.77 6.16
CA GLY A 234 -24.23 27.58 6.92
C GLY A 234 -23.57 27.99 8.22
N LYS A 235 -23.53 27.11 9.22
CA LYS A 235 -22.91 27.41 10.51
C LYS A 235 -21.55 26.70 10.64
N ILE A 236 -20.56 27.46 11.05
CA ILE A 236 -19.28 26.88 11.39
C ILE A 236 -19.39 25.65 12.30
N GLY A 237 -18.79 24.54 11.87
CA GLY A 237 -18.77 23.29 12.61
C GLY A 237 -19.78 22.23 12.14
N GLU A 238 -20.69 22.63 11.26
CA GLU A 238 -21.68 21.73 10.77
C GLU A 238 -21.26 21.11 9.43
N LYS A 239 -21.77 19.90 9.17
CA LYS A 239 -21.71 19.22 7.88
C LYS A 239 -23.05 19.32 7.20
N TYR A 240 -23.03 19.36 5.89
CA TYR A 240 -24.28 19.30 5.15
C TYR A 240 -24.17 18.40 3.97
N ILE A 241 -25.00 17.36 3.94
CA ILE A 241 -25.07 16.44 2.77
C ILE A 241 -25.64 17.18 1.56
N LEU A 242 -24.99 17.08 0.40
CA LEU A 242 -25.49 17.69 -0.78
C LEU A 242 -25.85 16.62 -1.76
N GLY A 243 -26.99 15.95 -1.54
CA GLY A 243 -27.42 14.85 -2.42
C GLY A 243 -28.44 15.32 -3.42
N GLY A 244 -28.88 14.44 -4.31
CA GLY A 244 -30.08 14.67 -5.11
C GLY A 244 -31.12 13.56 -4.88
N GLU A 245 -30.85 12.37 -5.41
CA GLU A 245 -31.81 11.27 -5.51
C GLU A 245 -31.18 9.93 -5.20
N ASN A 246 -31.85 9.13 -4.38
CA ASN A 246 -31.42 7.79 -4.07
C ASN A 246 -31.95 6.84 -5.11
N ILE A 247 -31.02 6.20 -5.82
CA ILE A 247 -31.38 5.42 -6.98
C ILE A 247 -30.58 4.11 -7.06
N MET A 248 -31.21 3.04 -7.51
CA MET A 248 -30.51 1.79 -7.68
C MET A 248 -29.79 1.89 -9.03
N LEU A 249 -28.71 1.13 -9.18
CA LEU A 249 -27.86 1.27 -10.34
C LEU A 249 -28.63 0.76 -11.59
N GLY A 250 -29.44 -0.29 -11.41
CA GLY A 250 -30.30 -0.81 -12.48
C GLY A 250 -31.25 0.25 -13.00
N ASP A 251 -31.84 1.02 -12.08
CA ASP A 251 -32.77 2.08 -12.45
C ASP A 251 -32.07 3.19 -13.20
N LEU A 252 -30.90 3.57 -12.70
CA LEU A 252 -30.02 4.48 -13.39
C LEU A 252 -29.79 4.08 -14.85
N PHE A 253 -29.41 2.82 -15.06
CA PHE A 253 -29.13 2.29 -16.39
C PHE A 253 -30.39 2.19 -17.26
N ARG A 254 -31.51 1.79 -16.66
CA ARG A 254 -32.84 2.03 -17.28
C ARG A 254 -33.00 3.46 -17.86
N MET A 255 -32.76 4.49 -17.05
CA MET A 255 -32.89 5.90 -17.49
C MET A 255 -31.92 6.22 -18.62
N VAL A 256 -30.62 5.95 -18.40
CA VAL A 256 -29.59 6.16 -19.41
C VAL A 256 -30.06 5.57 -20.74
N SER A 257 -30.43 4.31 -20.70
CA SER A 257 -30.79 3.60 -21.92
C SER A 257 -32.01 4.15 -22.60
N GLN A 258 -33.02 4.51 -21.82
CA GLN A 258 -34.24 5.06 -22.41
C GLN A 258 -34.00 6.45 -23.03
N ILE A 259 -33.23 7.31 -22.36
CA ILE A 259 -32.84 8.60 -22.89
C ILE A 259 -31.91 8.48 -24.12
N ALA A 260 -31.01 7.49 -24.11
CA ALA A 260 -30.05 7.35 -25.18
C ALA A 260 -30.61 6.53 -26.34
N GLY A 261 -31.89 6.13 -26.24
CA GLY A 261 -32.53 5.24 -27.22
C GLY A 261 -31.85 3.88 -27.44
N VAL A 262 -31.37 3.24 -26.37
CA VAL A 262 -30.62 1.98 -26.54
C VAL A 262 -31.18 0.85 -25.64
N LYS A 263 -30.77 -0.39 -25.89
CA LYS A 263 -31.22 -1.50 -25.03
C LYS A 263 -30.53 -1.47 -23.65
N PRO A 264 -31.29 -1.64 -22.54
CA PRO A 264 -30.70 -1.61 -21.18
C PRO A 264 -29.84 -2.86 -20.96
N PRO A 265 -28.93 -2.87 -19.97
CA PRO A 265 -27.95 -3.99 -19.94
C PRO A 265 -28.61 -5.33 -19.64
N ALA A 266 -28.15 -6.37 -20.30
CA ALA A 266 -28.81 -7.67 -20.26
C ALA A 266 -28.64 -8.39 -18.90
N VAL A 267 -27.49 -8.16 -18.28
CA VAL A 267 -26.97 -8.96 -17.17
C VAL A 267 -26.86 -8.18 -15.86
N LYS A 268 -27.67 -8.55 -14.88
CA LYS A 268 -27.62 -7.87 -13.62
C LYS A 268 -27.16 -8.83 -12.51
N LEU A 269 -25.98 -8.61 -11.97
CA LEU A 269 -25.46 -9.46 -10.92
C LEU A 269 -25.85 -9.01 -9.51
N LYS A 270 -26.60 -9.83 -8.77
CA LYS A 270 -27.00 -9.42 -7.41
C LYS A 270 -25.73 -9.45 -6.53
N GLN A 271 -25.72 -8.60 -5.52
CA GLN A 271 -24.52 -8.41 -4.75
C GLN A 271 -24.30 -9.64 -3.89
N SER A 272 -25.38 -10.31 -3.53
CA SER A 272 -25.25 -11.52 -2.73
C SER A 272 -24.54 -12.65 -3.52
N TRP A 273 -24.39 -12.50 -4.84
CA TRP A 273 -23.72 -13.51 -5.64
C TRP A 273 -22.24 -13.31 -5.54
N LEU A 274 -21.79 -12.28 -4.84
CA LEU A 274 -20.34 -12.07 -4.74
C LEU A 274 -19.81 -12.85 -3.54
N TYR A 275 -20.73 -13.35 -2.70
CA TYR A 275 -20.36 -14.11 -1.49
C TYR A 275 -19.32 -15.20 -1.77
N PRO A 276 -19.56 -16.10 -2.74
CA PRO A 276 -18.57 -17.12 -3.11
C PRO A 276 -17.21 -16.58 -3.48
N VAL A 277 -17.17 -15.44 -4.17
CA VAL A 277 -15.90 -14.81 -4.59
C VAL A 277 -15.14 -14.37 -3.33
N ALA A 278 -15.90 -13.81 -2.39
CA ALA A 278 -15.38 -13.39 -1.07
C ALA A 278 -14.75 -14.58 -0.36
N LEU A 279 -15.47 -15.69 -0.39
CA LEU A 279 -15.03 -16.87 0.26
C LEU A 279 -13.76 -17.39 -0.40
N VAL A 280 -13.73 -17.45 -1.72
CA VAL A 280 -12.58 -17.97 -2.42
C VAL A 280 -11.38 -17.08 -2.15
N SER A 281 -11.62 -15.79 -2.29
CA SER A 281 -10.68 -14.76 -1.86
C SER A 281 -10.06 -14.98 -0.46
N GLU A 282 -10.87 -15.26 0.56
CA GLU A 282 -10.31 -15.60 1.88
C GLU A 282 -9.48 -16.84 1.81
N TRP A 283 -9.93 -17.85 1.07
CA TRP A 283 -9.12 -19.08 1.00
C TRP A 283 -7.81 -18.96 0.24
N LEU A 284 -7.81 -18.25 -0.89
CA LEU A 284 -6.58 -17.95 -1.61
C LEU A 284 -5.57 -17.22 -0.72
N ALA A 285 -5.96 -16.08 -0.16
CA ALA A 285 -5.07 -15.38 0.77
C ALA A 285 -4.55 -16.27 1.90
N ARG A 286 -5.42 -17.06 2.54
CA ARG A 286 -4.92 -17.93 3.60
C ARG A 286 -3.88 -18.89 3.07
N GLY A 287 -4.20 -19.53 1.95
CA GLY A 287 -3.31 -20.52 1.30
C GLY A 287 -1.95 -19.98 0.90
N PHE A 288 -1.90 -18.68 0.63
CA PHE A 288 -0.70 -17.99 0.18
C PHE A 288 -0.03 -17.24 1.28
N GLY A 289 -0.59 -17.32 2.50
CA GLY A 289 -0.15 -16.51 3.66
C GLY A 289 -0.12 -14.99 3.47
N ILE A 290 -1.10 -14.43 2.73
CA ILE A 290 -1.17 -12.97 2.58
C ILE A 290 -2.48 -12.44 3.15
N GLU A 291 -2.69 -11.13 3.05
CA GLU A 291 -3.94 -10.52 3.53
C GLU A 291 -4.89 -10.47 2.38
N PRO A 292 -6.13 -10.91 2.62
CA PRO A 292 -7.11 -10.81 1.54
C PRO A 292 -7.52 -9.37 1.37
N ARG A 293 -7.76 -8.92 0.14
CA ARG A 293 -8.23 -7.56 -0.06
C ARG A 293 -9.71 -7.48 0.22
N VAL A 294 -10.36 -8.64 0.10
CA VAL A 294 -11.81 -8.77 0.15
C VAL A 294 -12.16 -9.99 0.98
N THR A 295 -13.16 -9.88 1.86
CA THR A 295 -13.63 -10.98 2.73
C THR A 295 -15.16 -10.94 2.77
N ARG A 296 -15.82 -11.98 3.28
CA ARG A 296 -17.23 -11.85 3.74
C ARG A 296 -17.52 -10.60 4.56
N GLU A 297 -16.65 -10.27 5.51
CA GLU A 297 -16.80 -9.06 6.33
C GLU A 297 -16.74 -7.80 5.46
N THR A 298 -15.99 -7.85 4.37
CA THR A 298 -15.94 -6.75 3.43
C THR A 298 -17.24 -6.59 2.65
N LEU A 299 -17.68 -7.69 2.06
CA LEU A 299 -18.91 -7.73 1.32
C LEU A 299 -20.12 -7.24 2.13
N ALA A 300 -20.16 -7.52 3.43
CA ALA A 300 -21.34 -7.17 4.23
C ALA A 300 -21.44 -5.67 4.45
N MET A 301 -20.33 -4.96 4.35
CA MET A 301 -20.35 -3.51 4.43
C MET A 301 -20.76 -2.89 3.11
N SER A 302 -20.12 -3.34 2.04
CA SER A 302 -20.35 -2.79 0.71
C SER A 302 -21.72 -3.14 0.17
N LYS A 303 -22.35 -4.14 0.75
CA LYS A 303 -23.74 -4.51 0.49
C LYS A 303 -24.70 -3.38 0.83
N LYS A 304 -24.34 -2.54 1.79
CA LYS A 304 -25.28 -1.52 2.30
C LYS A 304 -25.53 -0.52 1.20
N LEU A 305 -26.77 -0.05 1.10
CA LEU A 305 -27.08 0.94 0.08
C LEU A 305 -26.49 2.30 0.50
N MET A 306 -25.94 3.02 -0.47
CA MET A 306 -25.40 4.34 -0.22
C MET A 306 -26.49 5.40 -0.41
N PHE A 307 -27.41 5.42 0.52
CA PHE A 307 -28.61 6.24 0.41
C PHE A 307 -28.52 7.32 1.48
N PHE A 308 -28.75 8.56 1.08
CA PHE A 308 -28.52 9.68 2.00
C PHE A 308 -29.64 10.66 1.88
N SER A 309 -29.94 11.35 2.97
CA SER A 309 -30.97 12.40 2.97
C SER A 309 -30.29 13.74 2.87
N SER A 310 -30.89 14.67 2.14
CA SER A 310 -30.39 16.04 2.08
C SER A 310 -31.29 17.00 2.85
N ASP A 311 -31.98 16.48 3.86
CA ASP A 311 -32.98 17.29 4.53
C ASP A 311 -32.37 18.44 5.36
N LYS A 312 -31.23 18.19 6.00
CA LYS A 312 -30.54 19.22 6.74
C LYS A 312 -30.17 20.39 5.83
N ALA A 313 -29.60 20.16 4.67
CA ALA A 313 -29.33 21.32 3.82
C ALA A 313 -30.61 21.90 3.21
N LYS A 314 -31.67 21.11 3.17
CA LYS A 314 -32.92 21.62 2.56
C LYS A 314 -33.56 22.68 3.45
N LYS A 315 -33.68 22.36 4.74
CA LYS A 315 -34.29 23.23 5.72
C LYS A 315 -33.34 24.35 6.03
N GLU A 316 -32.09 24.01 6.31
CA GLU A 316 -31.17 24.97 6.89
C GLU A 316 -30.52 25.86 5.87
N LEU A 317 -30.66 25.55 4.58
CA LEU A 317 -29.90 26.33 3.60
C LEU A 317 -30.71 26.74 2.41
N GLY A 318 -31.89 26.14 2.26
CA GLY A 318 -32.70 26.28 1.04
C GLY A 318 -32.04 25.71 -0.21
N TYR A 319 -31.36 24.57 -0.05
CA TYR A 319 -30.79 23.76 -1.14
C TYR A 319 -31.88 23.05 -1.91
N ALA A 320 -31.87 23.13 -3.24
CA ALA A 320 -33.01 22.57 -4.01
C ALA A 320 -32.50 21.74 -5.18
N PRO A 321 -32.08 20.50 -4.93
CA PRO A 321 -31.49 19.68 -6.00
C PRO A 321 -32.53 19.31 -7.08
N ARG A 322 -32.18 19.44 -8.36
CA ARG A 322 -33.10 19.00 -9.40
C ARG A 322 -33.06 17.47 -9.46
N PRO A 323 -34.00 16.84 -10.16
CA PRO A 323 -33.97 15.36 -10.01
C PRO A 323 -32.85 14.69 -10.82
N ALA A 324 -32.62 13.39 -10.57
CA ALA A 324 -31.48 12.66 -11.16
C ALA A 324 -31.57 12.58 -12.68
N ARG A 325 -32.79 12.47 -13.20
CA ARG A 325 -32.98 12.42 -14.62
C ARG A 325 -32.47 13.68 -15.30
N ASP A 326 -32.53 14.81 -14.63
CA ASP A 326 -32.00 16.02 -15.23
C ASP A 326 -30.47 15.94 -15.39
N ALA A 327 -29.81 15.39 -14.37
CA ALA A 327 -28.36 15.30 -14.41
C ALA A 327 -27.86 14.35 -15.47
N VAL A 328 -28.54 13.21 -15.58
CA VAL A 328 -28.19 12.18 -16.54
C VAL A 328 -28.40 12.67 -17.98
N THR A 329 -29.55 13.32 -18.21
CA THR A 329 -29.89 13.98 -19.47
C THR A 329 -28.83 14.96 -19.96
N ASP A 330 -28.45 15.90 -19.12
CA ASP A 330 -27.41 16.86 -19.50
C ASP A 330 -26.05 16.19 -19.78
N ALA A 331 -25.65 15.25 -18.91
CA ALA A 331 -24.39 14.54 -19.08
C ALA A 331 -24.32 13.81 -20.43
N ILE A 332 -25.43 13.18 -20.83
CA ILE A 332 -25.50 12.52 -22.14
C ILE A 332 -25.54 13.55 -23.27
N ALA A 333 -26.29 14.63 -23.12
CA ALA A 333 -26.34 15.59 -24.22
C ALA A 333 -24.93 16.13 -24.46
N TRP A 334 -24.24 16.42 -23.36
CA TRP A 334 -22.89 16.89 -23.46
C TRP A 334 -21.96 15.83 -24.11
N PHE A 335 -22.02 14.58 -23.64
CA PHE A 335 -21.20 13.55 -24.26
C PHE A 335 -21.41 13.40 -25.80
N ARG A 336 -22.66 13.56 -26.27
CA ARG A 336 -22.99 13.40 -27.70
C ARG A 336 -22.38 14.54 -28.54
N GLN A 337 -22.61 15.77 -28.11
CA GLN A 337 -22.05 16.96 -28.74
C GLN A 337 -20.53 17.01 -28.74
N HIS A 338 -19.90 16.36 -27.78
CA HIS A 338 -18.46 16.53 -27.62
C HIS A 338 -17.69 15.30 -28.10
N GLY A 339 -18.40 14.44 -28.80
CA GLY A 339 -17.79 13.35 -29.51
C GLY A 339 -17.56 12.12 -28.67
N ARG A 340 -18.01 12.12 -27.42
CA ARG A 340 -17.57 11.07 -26.49
C ARG A 340 -18.20 9.73 -26.77
N MET A 341 -19.24 9.72 -27.59
CA MET A 341 -19.89 8.45 -27.93
C MET A 341 -19.32 7.80 -29.23
N LYS A 342 -18.00 7.94 -29.40
CA LYS A 342 -17.21 7.49 -30.57
C LYS A 342 -15.72 7.83 -30.36
N ASN B 13 5.37 5.45 41.15
CA ASN B 13 6.28 4.42 41.71
C ASN B 13 6.14 3.02 41.11
N ASP B 14 4.91 2.49 41.18
CA ASP B 14 4.63 1.05 41.13
C ASP B 14 3.51 0.59 40.15
N VAL B 15 2.98 1.53 39.35
CA VAL B 15 1.94 1.24 38.35
C VAL B 15 2.45 0.26 37.26
N THR B 16 1.64 -0.74 36.91
CA THR B 16 1.83 -1.53 35.66
C THR B 16 1.00 -0.92 34.49
N LEU B 17 1.68 -0.50 33.41
CA LEU B 17 1.00 -0.05 32.20
C LEU B 17 0.81 -1.21 31.21
N VAL B 18 -0.35 -1.24 30.57
CA VAL B 18 -0.70 -2.28 29.60
C VAL B 18 -1.33 -1.61 28.41
N THR B 19 -0.75 -1.81 27.23
CA THR B 19 -1.37 -1.31 25.98
C THR B 19 -2.13 -2.47 25.35
N GLY B 20 -3.07 -2.16 24.46
CA GLY B 20 -3.85 -3.15 23.76
C GLY B 20 -4.79 -3.90 24.66
N ALA B 21 -5.20 -3.29 25.77
CA ALA B 21 -6.02 -4.03 26.74
C ALA B 21 -7.45 -4.35 26.31
N THR B 22 -7.96 -3.68 25.26
CA THR B 22 -9.33 -3.98 24.74
C THR B 22 -9.38 -5.22 23.81
N GLY B 23 -8.21 -5.59 23.31
CA GLY B 23 -8.10 -6.73 22.39
C GLY B 23 -8.22 -8.04 23.11
N PHE B 24 -8.27 -9.04 22.28
CA PHE B 24 -8.38 -10.40 22.73
C PHE B 24 -7.27 -10.81 23.69
N VAL B 25 -6.02 -10.58 23.33
CA VAL B 25 -4.86 -11.05 24.12
C VAL B 25 -4.59 -10.05 25.26
N GLY B 26 -4.57 -8.77 24.90
CA GLY B 26 -4.41 -7.66 25.82
C GLY B 26 -5.33 -7.73 27.02
N SER B 27 -6.63 -7.99 26.81
CA SER B 27 -7.49 -8.04 28.00
C SER B 27 -7.27 -9.30 28.84
N ALA B 28 -6.95 -10.44 28.22
CA ALA B 28 -6.60 -11.62 29.03
C ALA B 28 -5.41 -11.34 29.91
N VAL B 29 -4.43 -10.65 29.37
CA VAL B 29 -3.19 -10.44 30.06
C VAL B 29 -3.57 -9.48 31.18
N ALA B 30 -4.41 -8.51 30.86
CA ALA B 30 -4.80 -7.57 31.88
C ALA B 30 -5.43 -8.28 33.08
N ARG B 31 -6.33 -9.22 32.83
CA ARG B 31 -7.04 -9.89 33.87
C ARG B 31 -6.08 -10.70 34.70
N VAL B 32 -5.22 -11.46 34.03
CA VAL B 32 -4.20 -12.24 34.73
C VAL B 32 -3.38 -11.39 35.71
N LEU B 33 -2.99 -10.20 35.28
CA LEU B 33 -2.20 -9.29 36.10
C LEU B 33 -3.02 -8.73 37.25
N GLU B 34 -4.34 -8.71 37.10
CA GLU B 34 -5.14 -8.21 38.21
C GLU B 34 -5.24 -9.26 39.31
N GLU B 35 -5.51 -10.52 38.97
CA GLU B 35 -5.54 -11.61 39.97
C GLU B 35 -4.17 -11.78 40.60
N ARG B 36 -3.16 -11.14 40.04
CA ARG B 36 -1.85 -11.14 40.66
C ARG B 36 -1.63 -9.90 41.49
N GLY B 37 -2.58 -8.97 41.42
CA GLY B 37 -2.59 -7.82 42.30
C GLY B 37 -1.72 -6.69 41.84
N HIS B 38 -1.61 -6.45 40.54
CA HIS B 38 -0.88 -5.30 40.03
C HIS B 38 -1.84 -4.15 39.99
N ARG B 39 -1.32 -2.93 40.03
CA ARG B 39 -2.15 -1.73 39.84
C ARG B 39 -2.16 -1.37 38.35
N LEU B 40 -3.32 -1.31 37.72
CA LEU B 40 -3.36 -1.20 36.25
C LEU B 40 -3.62 0.14 35.68
N ARG B 41 -2.76 0.56 34.74
CA ARG B 41 -3.07 1.69 33.88
C ARG B 41 -3.25 1.18 32.45
N LEU B 42 -4.35 1.51 31.79
CA LEU B 42 -4.58 1.03 30.39
C LEU B 42 -4.40 2.15 29.41
N LEU B 43 -3.40 2.01 28.54
CA LEU B 43 -3.22 2.96 27.43
C LEU B 43 -4.29 2.63 26.45
N VAL B 44 -4.95 3.68 25.97
CA VAL B 44 -6.22 3.54 25.26
C VAL B 44 -6.35 4.68 24.23
N ARG B 45 -7.00 4.48 23.09
CA ARG B 45 -7.16 5.62 22.14
C ARG B 45 -8.58 6.18 22.26
N PRO B 46 -8.91 7.29 21.57
CA PRO B 46 -10.11 8.00 22.05
C PRO B 46 -11.47 7.27 21.89
N THR B 47 -11.65 6.48 20.83
CA THR B 47 -12.97 5.83 20.57
C THR B 47 -13.10 4.39 21.10
N SER B 48 -11.95 3.76 21.37
CA SER B 48 -11.88 2.44 22.01
C SER B 48 -13.18 2.03 22.72
N ASP B 49 -13.69 0.84 22.37
CA ASP B 49 -14.88 0.30 23.05
C ASP B 49 -14.49 -0.05 24.48
N ARG B 50 -15.18 0.60 25.42
CA ARG B 50 -14.88 0.48 26.85
C ARG B 50 -15.48 -0.80 27.49
N SER B 51 -16.16 -1.60 26.67
CA SER B 51 -16.93 -2.78 27.12
C SER B 51 -16.10 -3.98 27.63
N ASN B 52 -15.06 -4.36 26.90
CA ASN B 52 -14.15 -5.44 27.32
C ASN B 52 -13.36 -5.10 28.61
N ILE B 53 -13.47 -3.85 29.05
CA ILE B 53 -12.57 -3.25 30.01
C ILE B 53 -13.17 -3.16 31.41
N ALA B 54 -14.44 -2.77 31.47
CA ALA B 54 -15.15 -2.46 32.71
C ALA B 54 -14.78 -3.31 33.93
N GLU B 55 -14.66 -4.63 33.78
CA GLU B 55 -14.37 -5.51 34.92
C GLU B 55 -13.06 -5.17 35.65
N LEU B 56 -12.14 -4.53 34.95
CA LEU B 56 -10.88 -4.11 35.53
C LEU B 56 -11.09 -2.80 36.30
N ASN B 57 -10.41 -2.62 37.43
CA ASN B 57 -10.45 -1.30 38.06
C ASN B 57 -9.16 -0.59 37.76
N ALA B 58 -9.14 0.11 36.61
CA ALA B 58 -7.90 0.67 36.08
C ALA B 58 -7.96 2.15 35.75
N GLU B 59 -6.85 2.86 35.95
CA GLU B 59 -6.71 4.19 35.38
C GLU B 59 -6.69 4.05 33.87
N LEU B 60 -7.36 4.93 33.15
CA LEU B 60 -7.31 4.88 31.74
C LEU B 60 -6.59 6.11 31.28
N ALA B 61 -5.58 5.90 30.44
CA ALA B 61 -4.83 6.97 29.78
C ALA B 61 -5.05 6.87 28.28
N VAL B 62 -5.52 7.97 27.70
CA VAL B 62 -5.75 8.15 26.27
C VAL B 62 -4.44 8.68 25.73
N GLY B 63 -3.89 8.03 24.72
CA GLY B 63 -2.58 8.37 24.17
C GLY B 63 -2.48 7.67 22.84
N ASP B 64 -1.55 8.12 22.01
CA ASP B 64 -1.45 7.63 20.66
C ASP B 64 0.03 7.43 20.30
N LEU B 65 0.38 6.17 20.06
CA LEU B 65 1.78 5.74 19.87
C LEU B 65 2.51 6.46 18.75
N SER B 66 1.75 7.00 17.79
CA SER B 66 2.40 7.52 16.58
C SER B 66 3.07 8.85 16.87
N ASP B 67 2.93 9.32 18.11
CA ASP B 67 3.28 10.67 18.52
C ASP B 67 3.96 10.70 19.90
N PRO B 68 5.26 10.95 19.94
CA PRO B 68 6.00 10.98 21.21
C PRO B 68 5.36 11.81 22.35
N ASP B 69 4.88 13.01 22.02
CA ASP B 69 4.35 13.98 22.99
C ASP B 69 3.26 13.47 23.95
N THR B 70 2.46 12.51 23.49
CA THR B 70 1.31 12.04 24.28
C THR B 70 1.68 10.99 25.36
N LEU B 71 2.87 10.41 25.28
CA LEU B 71 3.17 9.20 26.03
C LEU B 71 3.74 9.46 27.41
N ALA B 72 4.55 10.52 27.52
CA ALA B 72 5.18 10.82 28.81
C ALA B 72 4.18 10.87 30.00
N PRO B 73 3.01 11.53 29.84
CA PRO B 73 2.03 11.40 30.93
C PRO B 73 1.56 9.97 31.23
N ALA B 74 1.32 9.18 30.20
CA ALA B 74 0.79 7.83 30.45
C ALA B 74 1.85 6.95 31.11
N LEU B 75 3.09 7.39 31.06
CA LEU B 75 4.20 6.66 31.66
C LEU B 75 4.68 7.15 33.05
N LYS B 76 4.12 8.23 33.57
CA LYS B 76 4.60 8.71 34.89
C LYS B 76 4.37 7.70 35.96
N GLY B 77 5.45 7.31 36.61
CA GLY B 77 5.36 6.44 37.80
C GLY B 77 5.23 4.97 37.48
N VAL B 78 5.50 4.62 36.23
CA VAL B 78 5.30 3.27 35.75
C VAL B 78 6.55 2.39 35.92
N LYS B 79 6.40 1.32 36.71
CA LYS B 79 7.52 0.42 36.99
C LYS B 79 7.60 -0.69 35.91
N ILE B 80 6.44 -1.07 35.39
CA ILE B 80 6.31 -2.19 34.49
C ILE B 80 5.38 -1.90 33.34
N LEU B 81 5.88 -2.19 32.14
CA LEU B 81 5.15 -2.01 30.88
C LEU B 81 4.95 -3.34 30.12
N PHE B 82 3.71 -3.62 29.78
CA PHE B 82 3.33 -4.73 28.91
C PHE B 82 2.84 -4.13 27.59
N HIS B 83 3.62 -4.28 26.53
CA HIS B 83 3.15 -3.75 25.23
C HIS B 83 2.52 -4.88 24.43
N VAL B 84 1.19 -4.90 24.35
CA VAL B 84 0.50 -5.96 23.63
C VAL B 84 -0.17 -5.37 22.40
N ALA B 85 -0.05 -6.03 21.25
CA ALA B 85 -0.61 -5.49 19.98
C ALA B 85 -2.08 -5.06 20.13
N ALA B 86 -2.40 -3.85 19.70
CA ALA B 86 -3.78 -3.32 19.86
C ALA B 86 -4.84 -4.30 19.29
N ASP B 87 -4.51 -4.83 18.10
CA ASP B 87 -5.29 -5.84 17.39
C ASP B 87 -4.52 -7.15 17.22
N TYR B 88 -5.25 -8.20 16.84
CA TYR B 88 -4.63 -9.44 16.40
C TYR B 88 -5.11 -9.76 14.96
N ARG B 89 -4.19 -9.69 14.00
CA ARG B 89 -4.47 -10.01 12.57
C ARG B 89 -5.74 -9.34 11.93
N LEU B 90 -6.11 -8.16 12.43
CA LEU B 90 -7.22 -7.34 11.87
C LEU B 90 -7.06 -6.91 10.37
N TRP B 91 -7.90 -7.41 9.46
CA TRP B 91 -7.85 -6.92 8.07
C TRP B 91 -8.06 -5.38 8.02
N VAL B 92 -7.35 -4.65 7.14
CA VAL B 92 -7.53 -3.18 6.98
C VAL B 92 -7.46 -2.79 5.52
N PRO B 93 -8.01 -1.64 5.14
CA PRO B 93 -7.73 -1.42 3.71
C PRO B 93 -6.36 -0.78 3.46
N ASP B 94 -5.65 -0.42 4.52
CA ASP B 94 -4.34 0.19 4.35
C ASP B 94 -3.27 -0.60 5.15
N PRO B 95 -2.92 -1.81 4.70
CA PRO B 95 -1.95 -2.68 5.44
C PRO B 95 -0.59 -2.02 5.62
N GLU B 96 -0.09 -1.34 4.58
CA GLU B 96 1.22 -0.68 4.70
C GLU B 96 1.25 0.51 5.63
N THR B 97 0.19 1.31 5.63
CA THR B 97 0.07 2.40 6.60
C THR B 97 0.02 1.84 8.03
N MET B 98 -0.72 0.75 8.24
CA MET B 98 -0.82 0.16 9.58
C MET B 98 0.53 -0.42 10.00
N MET B 99 1.21 -1.11 9.10
CA MET B 99 2.58 -1.50 9.36
C MET B 99 3.51 -0.34 9.84
N LYS B 100 3.45 0.80 9.15
CA LYS B 100 4.23 1.93 9.58
C LYS B 100 3.83 2.33 11.02
N ALA B 101 2.53 2.45 11.31
CA ALA B 101 2.08 2.78 12.65
C ALA B 101 2.50 1.73 13.70
N ASN B 102 2.37 0.46 13.42
CA ASN B 102 2.84 -0.55 14.37
C ASN B 102 4.33 -0.42 14.59
N VAL B 103 5.10 -0.33 13.52
CA VAL B 103 6.54 -0.31 13.70
C VAL B 103 6.96 1.00 14.36
N GLU B 104 6.44 2.15 13.92
CA GLU B 104 6.91 3.39 14.54
C GLU B 104 6.37 3.55 15.93
N GLY B 105 5.20 2.97 16.20
CA GLY B 105 4.56 3.20 17.47
C GLY B 105 5.33 2.52 18.57
N THR B 106 5.75 1.30 18.25
CA THR B 106 6.53 0.47 19.08
C THR B 106 7.88 1.11 19.34
N ARG B 107 8.45 1.82 18.36
CA ARG B 107 9.70 2.47 18.66
C ARG B 107 9.47 3.59 19.67
N ASN B 108 8.47 4.43 19.35
CA ASN B 108 8.10 5.56 20.23
C ASN B 108 7.87 5.10 21.66
N LEU B 109 7.01 4.10 21.81
CA LEU B 109 6.68 3.64 23.13
C LEU B 109 7.94 3.20 23.82
N MET B 110 8.81 2.51 23.09
CA MET B 110 10.04 2.01 23.72
C MET B 110 11.02 3.13 24.16
N LEU B 111 11.18 4.16 23.31
CA LEU B 111 11.98 5.34 23.70
C LEU B 111 11.36 6.07 24.89
N ALA B 112 10.04 6.24 24.88
CA ALA B 112 9.41 6.98 25.95
C ALA B 112 9.58 6.24 27.28
N ALA B 113 9.64 4.91 27.21
CA ALA B 113 9.81 4.09 28.38
C ALA B 113 11.23 4.15 28.93
N LEU B 114 12.23 4.27 28.05
CA LEU B 114 13.59 4.54 28.52
C LEU B 114 13.61 5.86 29.22
N GLU B 115 13.11 6.88 28.55
CA GLU B 115 13.00 8.21 29.13
C GLU B 115 12.18 8.27 30.43
N ALA B 116 11.23 7.38 30.65
CA ALA B 116 10.52 7.44 31.92
C ALA B 116 11.12 6.50 33.00
N GLY B 117 12.22 5.81 32.66
CA GLY B 117 12.92 4.90 33.56
C GLY B 117 12.21 3.60 33.99
N VAL B 118 11.34 3.07 33.11
CA VAL B 118 10.57 1.84 33.36
C VAL B 118 11.53 0.69 33.59
N GLU B 119 11.20 -0.20 34.51
CA GLU B 119 12.20 -1.13 35.02
C GLU B 119 12.15 -2.46 34.29
N LYS B 120 10.95 -2.83 33.85
CA LYS B 120 10.74 -3.97 32.98
C LYS B 120 9.68 -3.71 31.94
N ILE B 121 9.98 -4.19 30.74
CA ILE B 121 9.06 -4.16 29.63
C ILE B 121 8.88 -5.59 29.12
N ILE B 122 7.65 -6.05 29.10
CA ILE B 122 7.30 -7.25 28.37
C ILE B 122 6.69 -6.86 27.06
N TYR B 123 7.37 -7.32 26.02
CA TYR B 123 6.97 -7.04 24.69
C TYR B 123 6.26 -8.26 24.03
N CYS B 124 5.00 -8.02 23.62
CA CYS B 124 4.22 -9.08 22.93
C CYS B 124 4.51 -9.05 21.42
N SER B 125 5.14 -10.10 20.94
CA SER B 125 5.55 -10.20 19.56
C SER B 125 4.84 -11.43 19.08
N SER B 126 5.36 -12.22 18.17
CA SER B 126 4.50 -13.29 17.70
C SER B 126 5.42 -14.29 17.06
N VAL B 127 4.96 -15.54 16.98
CA VAL B 127 5.71 -16.50 16.14
C VAL B 127 5.84 -16.00 14.67
N ALA B 128 5.01 -15.06 14.26
CA ALA B 128 5.10 -14.54 12.89
C ALA B 128 6.38 -13.75 12.70
N ALA B 129 7.03 -13.33 13.77
CA ALA B 129 8.34 -12.65 13.67
C ALA B 129 9.49 -13.68 13.52
N LEU B 130 9.21 -14.97 13.68
CA LEU B 130 10.31 -15.93 13.79
C LEU B 130 10.56 -16.75 12.51
N GLY B 131 11.67 -17.49 12.50
CA GLY B 131 12.05 -18.32 11.35
C GLY B 131 11.33 -19.63 11.43
N LEU B 132 11.13 -20.24 10.27
CA LEU B 132 10.46 -21.51 10.11
C LEU B 132 11.43 -22.50 9.57
N ARG B 133 11.18 -23.76 9.89
CA ARG B 133 11.92 -24.92 9.33
C ARG B 133 11.17 -25.58 8.16
N SER B 134 11.83 -26.42 7.35
CA SER B 134 11.12 -27.11 6.24
C SER B 134 11.11 -28.66 6.37
N ASP B 135 11.83 -29.15 7.36
CA ASP B 135 11.78 -30.56 7.70
C ASP B 135 10.56 -30.92 8.57
N GLY B 136 9.67 -29.95 8.83
CA GLY B 136 8.52 -30.16 9.75
C GLY B 136 8.90 -30.48 11.20
N VAL B 137 10.17 -30.23 11.54
CA VAL B 137 10.59 -30.16 12.93
C VAL B 137 10.15 -28.79 13.46
N PRO B 138 9.41 -28.78 14.57
CA PRO B 138 8.95 -27.51 15.15
C PRO B 138 10.08 -26.52 15.35
N ALA B 139 9.92 -25.29 14.85
CA ALA B 139 10.95 -24.27 15.00
C ALA B 139 11.01 -23.71 16.43
N ASP B 140 12.04 -22.91 16.74
CA ASP B 140 12.14 -22.31 18.10
C ASP B 140 12.77 -20.94 18.03
N GLU B 141 13.01 -20.33 19.20
CA GLU B 141 13.55 -18.93 19.27
C GLU B 141 14.89 -18.72 18.51
N THR B 142 15.56 -19.84 18.22
CA THR B 142 16.88 -19.96 17.56
C THR B 142 16.89 -20.09 16.01
N THR B 143 15.77 -20.54 15.44
CA THR B 143 15.63 -20.69 14.00
C THR B 143 15.98 -19.40 13.27
N PRO B 144 16.84 -19.50 12.26
CA PRO B 144 17.25 -18.26 11.55
C PRO B 144 16.08 -17.67 10.75
N VAL B 145 16.07 -16.36 10.59
CA VAL B 145 15.06 -15.70 9.79
C VAL B 145 15.66 -14.47 9.18
N SER B 146 15.36 -14.20 7.91
CA SER B 146 15.85 -13.00 7.23
C SER B 146 14.70 -12.21 6.61
N GLU B 147 14.81 -10.89 6.64
CA GLU B 147 13.72 -10.06 6.14
C GLU B 147 13.15 -10.50 4.79
N SER B 148 14.00 -11.05 3.92
CA SER B 148 13.52 -11.48 2.60
C SER B 148 12.76 -12.82 2.60
N GLN B 149 12.86 -13.68 3.61
CA GLN B 149 11.96 -14.84 3.67
C GLN B 149 10.47 -14.55 4.01
N VAL B 150 10.19 -13.34 4.50
CA VAL B 150 8.91 -13.03 5.12
C VAL B 150 7.90 -12.61 4.05
N ILE B 151 6.74 -13.24 3.97
CA ILE B 151 5.98 -12.96 2.76
C ILE B 151 4.74 -12.01 2.78
N GLY B 152 4.06 -11.83 3.90
CA GLY B 152 2.93 -10.87 3.90
C GLY B 152 3.22 -9.64 4.75
N ILE B 153 2.52 -8.54 4.51
CA ILE B 153 2.60 -7.34 5.36
C ILE B 153 2.45 -7.66 6.84
N TYR B 154 1.42 -8.46 7.21
CA TYR B 154 1.24 -8.87 8.61
C TYR B 154 2.49 -9.51 9.21
N LYS B 155 3.07 -10.54 8.60
CA LYS B 155 4.30 -11.11 9.18
C LYS B 155 5.47 -10.11 9.17
N LEU B 156 5.61 -9.35 8.05
CA LEU B 156 6.66 -8.31 7.94
C LEU B 156 6.57 -7.25 9.03
N SER B 157 5.38 -6.76 9.28
CA SER B 157 5.22 -5.79 10.33
C SER B 157 5.75 -6.34 11.68
N LYS B 158 5.32 -7.54 12.05
CA LYS B 158 5.73 -8.18 13.31
C LYS B 158 7.21 -8.42 13.27
N TYR B 159 7.76 -8.92 12.17
CA TYR B 159 9.23 -9.07 12.10
C TYR B 159 9.96 -7.71 12.35
N ARG B 160 9.54 -6.65 11.68
CA ARG B 160 10.24 -5.36 11.79
C ARG B 160 10.15 -4.78 13.17
N ALA B 161 8.95 -4.83 13.77
CA ALA B 161 8.72 -4.31 15.13
C ALA B 161 9.65 -5.02 16.12
N GLU B 162 9.69 -6.34 16.06
CA GLU B 162 10.52 -7.08 16.96
C GLU B 162 11.98 -6.68 16.80
N GLN B 163 12.48 -6.63 15.54
CA GLN B 163 13.85 -6.08 15.24
C GLN B 163 14.13 -4.77 15.92
N GLU B 164 13.20 -3.83 15.88
CA GLU B 164 13.37 -2.60 16.63
C GLU B 164 13.50 -2.82 18.14
N VAL B 165 12.63 -3.65 18.71
CA VAL B 165 12.78 -3.95 20.11
C VAL B 165 14.17 -4.58 20.38
N LEU B 166 14.67 -5.45 19.49
CA LEU B 166 15.96 -6.08 19.68
C LEU B 166 17.11 -5.07 19.59
N ARG B 167 16.97 -4.11 18.67
CA ARG B 167 17.95 -3.05 18.48
C ARG B 167 18.07 -2.25 19.81
N LEU B 168 16.95 -1.80 20.35
CA LEU B 168 16.96 -0.99 21.52
C LEU B 168 17.46 -1.78 22.76
N ILE B 169 17.25 -3.08 22.78
CA ILE B 169 17.87 -3.93 23.78
C ILE B 169 19.41 -3.87 23.68
N ARG B 170 19.92 -3.97 22.46
CA ARG B 170 21.35 -4.05 22.17
C ARG B 170 22.02 -2.66 22.29
N GLU B 171 21.43 -1.63 21.69
CA GLU B 171 22.03 -0.27 21.70
C GLU B 171 21.73 0.61 22.93
N LYS B 172 20.47 0.70 23.39
CA LYS B 172 20.10 1.65 24.45
C LYS B 172 19.78 0.97 25.76
N ASN B 173 20.24 -0.25 25.96
CA ASN B 173 19.92 -0.96 27.20
C ASN B 173 18.45 -1.07 27.57
N LEU B 174 17.56 -1.19 26.58
CA LEU B 174 16.13 -1.39 26.82
C LEU B 174 15.87 -2.69 27.61
N PRO B 175 15.18 -2.57 28.76
CA PRO B 175 14.99 -3.70 29.65
C PRO B 175 13.75 -4.55 29.31
N ALA B 176 13.73 -5.07 28.09
CA ALA B 176 12.54 -5.72 27.54
C ALA B 176 12.79 -7.21 27.47
N ILE B 177 11.77 -7.99 27.83
CA ILE B 177 11.72 -9.40 27.60
C ILE B 177 10.65 -9.59 26.51
N ILE B 178 10.93 -10.48 25.58
CA ILE B 178 10.07 -10.63 24.47
C ILE B 178 9.35 -11.98 24.54
N VAL B 179 8.07 -11.92 24.23
CA VAL B 179 7.18 -13.06 24.25
C VAL B 179 6.57 -13.25 22.85
N ASN B 180 6.55 -14.48 22.34
CA ASN B 180 6.12 -14.76 20.97
C ASN B 180 5.02 -15.81 21.03
N PRO B 181 3.78 -15.38 21.31
CA PRO B 181 2.64 -16.29 21.24
C PRO B 181 2.43 -16.81 19.83
N SER B 182 1.86 -18.02 19.73
CA SER B 182 1.39 -18.56 18.50
C SER B 182 -0.05 -18.04 18.25
N THR B 183 -0.99 -18.87 17.82
CA THR B 183 -2.34 -18.40 17.45
C THR B 183 -3.43 -18.69 18.49
N PRO B 184 -3.88 -17.64 19.19
CA PRO B 184 -4.64 -17.76 20.43
C PRO B 184 -6.07 -18.10 20.18
N VAL B 185 -6.61 -19.01 20.93
CA VAL B 185 -8.01 -19.39 20.80
C VAL B 185 -8.61 -19.44 22.20
N GLY B 186 -9.89 -19.13 22.32
CA GLY B 186 -10.54 -19.32 23.60
C GLY B 186 -11.80 -18.50 23.80
N PRO B 187 -12.22 -18.32 25.05
CA PRO B 187 -13.44 -17.63 25.36
C PRO B 187 -13.21 -16.15 25.20
N ARG B 188 -14.34 -15.41 25.17
CA ARG B 188 -14.29 -13.98 25.05
C ARG B 188 -13.76 -13.54 23.69
N ASP B 189 -13.97 -14.34 22.65
CA ASP B 189 -13.47 -13.93 21.36
C ASP B 189 -14.51 -13.09 20.62
N ILE B 190 -14.53 -11.81 21.00
CA ILE B 190 -15.59 -10.86 20.71
C ILE B 190 -15.72 -10.46 19.23
N LYS B 191 -14.62 -10.16 18.53
CA LYS B 191 -14.67 -9.77 17.12
C LYS B 191 -15.51 -10.65 16.17
N PRO B 192 -15.15 -11.94 15.98
CA PRO B 192 -14.07 -12.73 16.52
C PRO B 192 -12.84 -12.58 15.62
N THR B 193 -11.69 -12.73 16.23
CA THR B 193 -10.45 -13.27 15.65
C THR B 193 -10.66 -14.10 14.37
N PRO B 194 -9.75 -14.02 13.39
CA PRO B 194 -9.96 -14.89 12.20
C PRO B 194 -10.02 -16.39 12.50
N THR B 195 -9.22 -16.88 13.44
CA THR B 195 -9.34 -18.27 13.84
C THR B 195 -10.67 -18.62 14.53
N GLY B 196 -11.16 -17.74 15.41
CA GLY B 196 -12.48 -17.93 16.02
C GLY B 196 -13.56 -18.01 14.93
N GLN B 197 -13.36 -17.25 13.84
CA GLN B 197 -14.31 -17.23 12.75
C GLN B 197 -14.30 -18.58 12.06
N MET B 198 -13.11 -19.13 11.78
CA MET B 198 -12.99 -20.49 11.29
C MET B 198 -13.60 -21.44 12.28
N ILE B 199 -13.34 -21.29 13.58
CA ILE B 199 -14.07 -22.12 14.53
C ILE B 199 -15.57 -22.07 14.31
N LEU B 200 -16.14 -20.86 14.34
CA LEU B 200 -17.55 -20.64 13.97
C LEU B 200 -18.07 -21.21 12.63
N ASP B 201 -17.37 -20.94 11.52
CA ASP B 201 -17.85 -21.40 10.21
C ASP B 201 -17.98 -22.90 10.27
N CYS B 202 -16.95 -23.47 10.87
CA CYS B 202 -16.82 -24.89 10.92
C CYS B 202 -17.87 -25.51 11.86
N ALA B 203 -18.04 -24.91 13.03
CA ALA B 203 -18.97 -25.45 14.00
C ALA B 203 -20.43 -25.45 13.52
N SER B 204 -20.74 -24.64 12.53
CA SER B 204 -22.11 -24.52 12.07
C SER B 204 -22.41 -25.22 10.74
N GLY B 205 -21.43 -25.92 10.16
CA GLY B 205 -21.58 -26.62 8.87
C GLY B 205 -21.52 -25.80 7.59
N ASN B 206 -20.89 -24.62 7.62
CA ASN B 206 -20.69 -23.82 6.37
C ASN B 206 -19.25 -23.36 6.06
N MET B 207 -18.32 -24.30 6.18
CA MET B 207 -16.95 -24.19 5.69
C MET B 207 -16.95 -25.45 4.88
N PRO B 208 -17.22 -25.33 3.58
CA PRO B 208 -17.22 -26.58 2.81
C PRO B 208 -15.78 -27.03 2.43
N ALA B 209 -14.88 -26.06 2.22
CA ALA B 209 -13.50 -26.34 1.87
C ALA B 209 -12.50 -25.62 2.81
N TYR B 210 -11.25 -26.08 2.79
CA TYR B 210 -10.13 -25.36 3.43
C TYR B 210 -8.83 -25.78 2.73
N VAL B 211 -7.80 -24.92 2.76
CA VAL B 211 -6.46 -25.26 2.27
C VAL B 211 -5.65 -25.88 3.40
N GLU B 212 -5.09 -27.06 3.22
CA GLU B 212 -4.28 -27.65 4.27
C GLU B 212 -3.08 -26.75 4.60
N THR B 213 -2.83 -26.64 5.90
CA THR B 213 -1.87 -25.74 6.53
C THR B 213 -1.54 -26.45 7.86
N GLY B 214 -0.46 -26.03 8.52
CA GLY B 214 -0.19 -26.54 9.85
C GLY B 214 0.03 -25.31 10.68
N LEU B 215 -0.47 -25.31 11.91
CA LEU B 215 -0.23 -24.16 12.75
C LEU B 215 -0.16 -24.56 14.16
N ASN B 216 0.06 -23.59 15.03
CA ASN B 216 0.17 -23.83 16.45
C ASN B 216 -0.89 -23.04 17.20
N ILE B 217 -1.73 -23.77 17.92
CA ILE B 217 -2.89 -23.20 18.64
C ILE B 217 -2.50 -23.12 20.12
N VAL B 218 -2.80 -22.00 20.75
CA VAL B 218 -2.56 -21.84 22.19
C VAL B 218 -3.81 -21.24 22.85
N HIS B 219 -4.14 -21.76 24.02
CA HIS B 219 -5.24 -21.24 24.76
C HIS B 219 -4.85 -19.82 25.05
N VAL B 220 -5.79 -18.88 24.83
CA VAL B 220 -5.54 -17.49 25.09
C VAL B 220 -5.18 -17.26 26.56
N ASP B 221 -5.65 -18.10 27.47
CA ASP B 221 -5.27 -17.93 28.89
C ASP B 221 -3.87 -18.40 29.22
N ASP B 222 -3.34 -19.28 28.40
CA ASP B 222 -1.93 -19.66 28.51
C ASP B 222 -1.01 -18.53 28.05
N VAL B 223 -1.41 -17.80 26.99
CA VAL B 223 -0.63 -16.64 26.52
C VAL B 223 -0.56 -15.61 27.62
N ALA B 224 -1.70 -15.36 28.27
CA ALA B 224 -1.82 -14.35 29.34
C ALA B 224 -0.94 -14.75 30.52
N GLU B 225 -1.09 -15.99 30.97
CA GLU B 225 -0.21 -16.54 32.01
C GLU B 225 1.26 -16.47 31.62
N GLY B 226 1.60 -16.90 30.41
CA GLY B 226 2.98 -16.86 29.91
C GLY B 226 3.58 -15.47 30.01
N HIS B 227 2.75 -14.45 29.81
CA HIS B 227 3.19 -13.06 29.91
C HIS B 227 3.56 -12.76 31.39
N ALA B 228 2.73 -13.25 32.32
CA ALA B 228 2.96 -12.99 33.76
C ALA B 228 4.21 -13.72 34.21
N LEU B 229 4.30 -14.98 33.80
CA LEU B 229 5.46 -15.79 33.99
C LEU B 229 6.72 -15.21 33.37
N ALA B 230 6.63 -14.44 32.28
CA ALA B 230 7.89 -13.94 31.68
C ALA B 230 8.42 -12.81 32.52
N LEU B 231 7.52 -12.05 33.14
CA LEU B 231 7.90 -10.94 34.00
C LEU B 231 8.58 -11.49 35.26
N GLU B 232 8.13 -12.64 35.74
CA GLU B 232 8.54 -13.13 37.02
C GLU B 232 9.78 -13.94 36.92
N ARG B 233 10.04 -14.53 35.76
CA ARG B 233 11.17 -15.44 35.66
C ARG B 233 12.05 -15.25 34.44
N GLY B 234 11.67 -14.38 33.51
CA GLY B 234 12.37 -14.25 32.23
C GLY B 234 13.54 -13.31 32.32
N LYS B 235 14.48 -13.41 31.39
CA LYS B 235 15.69 -12.57 31.42
C LYS B 235 15.62 -11.49 30.34
N ILE B 236 16.14 -10.33 30.65
CA ILE B 236 16.11 -9.24 29.70
C ILE B 236 16.89 -9.67 28.44
N GLY B 237 16.32 -9.39 27.26
CA GLY B 237 16.98 -9.77 26.02
C GLY B 237 16.58 -11.12 25.44
N GLU B 238 15.89 -11.94 26.21
CA GLU B 238 15.44 -13.24 25.74
C GLU B 238 14.01 -13.16 25.15
N LYS B 239 13.80 -13.92 24.07
CA LYS B 239 12.50 -14.16 23.42
C LYS B 239 12.03 -15.53 23.97
N TYR B 240 10.73 -15.68 24.21
CA TYR B 240 10.12 -16.98 24.63
C TYR B 240 8.83 -17.20 23.81
N ILE B 241 8.77 -18.29 23.07
CA ILE B 241 7.57 -18.69 22.33
C ILE B 241 6.53 -19.20 23.30
N LEU B 242 5.29 -18.76 23.11
CA LEU B 242 4.23 -19.20 23.99
C LEU B 242 3.20 -19.94 23.15
N GLY B 243 3.48 -21.23 22.84
CA GLY B 243 2.63 -22.06 22.00
C GLY B 243 1.77 -23.01 22.79
N GLY B 244 1.11 -23.94 22.12
CA GLY B 244 0.33 -24.98 22.81
C GLY B 244 0.61 -26.27 22.07
N GLU B 245 -0.12 -26.48 20.99
CA GLU B 245 -0.10 -27.69 20.21
C GLU B 245 0.12 -27.33 18.75
N ASN B 246 1.03 -28.08 18.12
CA ASN B 246 1.23 -27.97 16.71
C ASN B 246 0.24 -28.90 16.07
N ILE B 247 -0.60 -28.38 15.17
CA ILE B 247 -1.65 -29.20 14.60
C ILE B 247 -1.88 -28.86 13.12
N MET B 248 -2.24 -29.88 12.34
CA MET B 248 -2.64 -29.60 10.94
C MET B 248 -4.05 -29.04 10.93
N LEU B 249 -4.34 -28.25 9.93
CA LEU B 249 -5.63 -27.55 9.88
C LEU B 249 -6.84 -28.53 9.75
N GLY B 250 -6.69 -29.58 8.97
CA GLY B 250 -7.72 -30.56 8.85
C GLY B 250 -7.92 -31.27 10.17
N ASP B 251 -6.86 -31.55 10.91
CA ASP B 251 -7.05 -32.11 12.25
C ASP B 251 -7.75 -31.14 13.20
N LEU B 252 -7.43 -29.86 13.12
CA LEU B 252 -8.13 -28.87 13.93
C LEU B 252 -9.65 -28.87 13.62
N PHE B 253 -9.98 -28.88 12.34
CA PHE B 253 -11.39 -28.94 11.91
C PHE B 253 -12.11 -30.26 12.25
N ARG B 254 -11.42 -31.38 12.08
CA ARG B 254 -12.03 -32.63 12.52
C ARG B 254 -12.32 -32.53 14.03
N MET B 255 -11.41 -31.93 14.79
CA MET B 255 -11.65 -31.77 16.21
C MET B 255 -12.81 -30.80 16.49
N VAL B 256 -12.83 -29.63 15.84
CA VAL B 256 -13.93 -28.68 16.02
C VAL B 256 -15.32 -29.32 15.73
N SER B 257 -15.39 -30.13 14.69
CA SER B 257 -16.64 -30.65 14.27
C SER B 257 -17.19 -31.66 15.23
N GLN B 258 -16.28 -32.44 15.77
CA GLN B 258 -16.60 -33.50 16.67
C GLN B 258 -17.14 -32.83 17.94
N ILE B 259 -16.54 -31.71 18.35
CA ILE B 259 -16.97 -31.03 19.57
C ILE B 259 -18.31 -30.36 19.36
N ALA B 260 -18.59 -29.93 18.13
CA ALA B 260 -19.80 -29.20 17.88
C ALA B 260 -20.86 -30.16 17.41
N GLY B 261 -20.49 -31.45 17.30
CA GLY B 261 -21.38 -32.50 16.85
C GLY B 261 -21.88 -32.35 15.41
N VAL B 262 -21.02 -31.91 14.48
CA VAL B 262 -21.39 -31.89 13.05
C VAL B 262 -20.39 -32.70 12.21
N LYS B 263 -20.67 -32.82 10.91
CA LYS B 263 -19.77 -33.50 9.97
C LYS B 263 -18.55 -32.64 9.69
N PRO B 264 -17.33 -33.22 9.71
CA PRO B 264 -16.11 -32.46 9.33
C PRO B 264 -16.17 -31.93 7.87
N PRO B 265 -15.43 -30.85 7.53
CA PRO B 265 -15.45 -30.54 6.10
C PRO B 265 -14.73 -31.63 5.34
N ALA B 266 -15.14 -31.88 4.11
CA ALA B 266 -14.63 -33.03 3.39
C ALA B 266 -13.86 -32.65 2.12
N VAL B 267 -13.70 -31.34 1.90
CA VAL B 267 -12.93 -30.84 0.76
C VAL B 267 -11.65 -30.17 1.26
N LYS B 268 -10.57 -30.95 1.27
CA LYS B 268 -9.28 -30.51 1.67
C LYS B 268 -8.44 -30.22 0.44
N LEU B 269 -8.09 -28.93 0.25
CA LEU B 269 -7.24 -28.51 -0.86
C LEU B 269 -5.72 -28.51 -0.53
N LYS B 270 -4.93 -29.33 -1.22
CA LYS B 270 -3.47 -29.31 -0.99
C LYS B 270 -2.89 -27.95 -1.36
N GLN B 271 -1.81 -27.55 -0.69
CA GLN B 271 -1.19 -26.25 -0.95
C GLN B 271 -0.55 -26.18 -2.35
N SER B 272 0.05 -27.28 -2.75
CA SER B 272 0.69 -27.43 -4.05
C SER B 272 -0.24 -27.23 -5.24
N TRP B 273 -1.55 -27.47 -5.05
CA TRP B 273 -2.53 -27.13 -6.07
C TRP B 273 -2.67 -25.63 -6.31
N LEU B 274 -2.00 -24.82 -5.50
CA LEU B 274 -2.02 -23.38 -5.68
C LEU B 274 -1.04 -22.88 -6.75
N TYR B 275 0.00 -23.69 -7.05
CA TYR B 275 0.97 -23.42 -8.14
C TYR B 275 0.34 -22.75 -9.36
N PRO B 276 -0.66 -23.38 -9.97
CA PRO B 276 -1.17 -22.79 -11.18
C PRO B 276 -1.85 -21.44 -10.97
N VAL B 277 -2.46 -21.23 -9.81
CA VAL B 277 -2.94 -19.89 -9.54
C VAL B 277 -1.77 -18.94 -9.33
N ALA B 278 -0.66 -19.43 -8.78
CA ALA B 278 0.50 -18.56 -8.58
C ALA B 278 1.13 -18.20 -9.92
N LEU B 279 1.26 -19.19 -10.81
CA LEU B 279 1.62 -18.92 -12.18
C LEU B 279 0.70 -17.92 -12.87
N VAL B 280 -0.60 -18.19 -12.87
CA VAL B 280 -1.50 -17.28 -13.55
C VAL B 280 -1.40 -15.88 -12.94
N SER B 281 -1.12 -15.81 -11.64
CA SER B 281 -0.99 -14.54 -10.94
C SER B 281 0.24 -13.76 -11.44
N GLU B 282 1.39 -14.41 -11.56
CA GLU B 282 2.57 -13.75 -12.14
C GLU B 282 2.38 -13.25 -13.56
N TRP B 283 1.79 -14.08 -14.44
CA TRP B 283 1.56 -13.70 -15.84
C TRP B 283 0.56 -12.60 -16.00
N LEU B 284 -0.55 -12.66 -15.26
CA LEU B 284 -1.48 -11.54 -15.29
C LEU B 284 -0.78 -10.21 -14.90
N ALA B 285 -0.04 -10.18 -13.79
CA ALA B 285 0.67 -8.94 -13.43
C ALA B 285 1.64 -8.53 -14.52
N ARG B 286 2.32 -9.50 -15.10
CA ARG B 286 3.27 -9.08 -16.10
C ARG B 286 2.57 -8.44 -17.28
N GLY B 287 1.50 -9.07 -17.76
CA GLY B 287 0.69 -8.52 -18.86
C GLY B 287 0.08 -7.16 -18.58
N PHE B 288 -0.11 -6.83 -17.30
CA PHE B 288 -0.66 -5.52 -16.97
C PHE B 288 0.39 -4.55 -16.44
N GLY B 289 1.67 -4.95 -16.46
CA GLY B 289 2.77 -4.13 -15.92
C GLY B 289 2.70 -3.73 -14.45
N ILE B 290 2.12 -4.58 -13.60
CA ILE B 290 2.05 -4.27 -12.18
C ILE B 290 2.82 -5.34 -11.42
N GLU B 291 2.92 -5.15 -10.11
CA GLU B 291 3.56 -6.12 -9.26
C GLU B 291 2.56 -7.24 -8.83
N PRO B 292 2.94 -8.54 -9.02
CA PRO B 292 2.02 -9.59 -8.53
C PRO B 292 1.99 -9.60 -7.02
N ARG B 293 0.84 -9.86 -6.41
CA ARG B 293 0.80 -9.94 -4.97
C ARG B 293 1.32 -11.31 -4.51
N VAL B 294 1.32 -12.25 -5.43
CA VAL B 294 1.52 -13.63 -5.09
C VAL B 294 2.39 -14.18 -6.19
N THR B 295 3.46 -14.89 -5.82
CA THR B 295 4.28 -15.53 -6.85
C THR B 295 4.56 -16.94 -6.46
N ARG B 296 5.15 -17.69 -7.38
CA ARG B 296 5.72 -19.01 -7.10
C ARG B 296 6.61 -19.02 -5.89
N GLU B 297 7.43 -17.99 -5.71
CA GLU B 297 8.31 -17.90 -4.55
C GLU B 297 7.55 -17.70 -3.27
N THR B 298 6.52 -16.88 -3.31
CA THR B 298 5.66 -16.68 -2.13
C THR B 298 5.14 -18.03 -1.70
N LEU B 299 4.71 -18.83 -2.69
CA LEU B 299 4.07 -20.08 -2.41
C LEU B 299 5.02 -21.08 -1.74
N ALA B 300 6.31 -21.06 -2.10
CA ALA B 300 7.30 -21.94 -1.44
C ALA B 300 7.48 -21.59 0.04
N MET B 301 7.35 -20.32 0.38
CA MET B 301 7.43 -19.91 1.78
C MET B 301 6.17 -20.26 2.57
N SER B 302 4.99 -20.15 1.92
CA SER B 302 3.66 -20.40 2.55
C SER B 302 3.52 -21.83 2.89
N LYS B 303 4.26 -22.68 2.16
CA LYS B 303 4.25 -24.13 2.29
C LYS B 303 4.72 -24.57 3.65
N LYS B 304 5.61 -23.81 4.24
CA LYS B 304 6.26 -24.30 5.43
C LYS B 304 5.25 -24.33 6.55
N LEU B 305 5.44 -25.29 7.42
CA LEU B 305 4.54 -25.51 8.51
C LEU B 305 4.80 -24.48 9.58
N MET B 306 3.75 -23.87 10.10
CA MET B 306 3.99 -22.95 11.21
C MET B 306 4.08 -23.73 12.53
N PHE B 307 5.01 -24.65 12.61
CA PHE B 307 5.17 -25.48 13.79
C PHE B 307 6.24 -24.87 14.68
N PHE B 308 5.95 -24.81 15.98
CA PHE B 308 6.90 -24.24 16.95
C PHE B 308 6.98 -25.00 18.28
N SER B 309 8.11 -24.86 18.96
CA SER B 309 8.30 -25.50 20.24
C SER B 309 8.25 -24.45 21.33
N SER B 310 7.70 -24.82 22.48
CA SER B 310 7.66 -23.95 23.63
C SER B 310 8.59 -24.50 24.71
N ASP B 311 9.58 -25.30 24.29
CA ASP B 311 10.47 -25.96 25.25
C ASP B 311 11.24 -24.97 26.09
N LYS B 312 11.69 -23.89 25.48
CA LYS B 312 12.42 -22.87 26.23
C LYS B 312 11.53 -22.27 27.31
N ALA B 313 10.27 -21.94 27.01
CA ALA B 313 9.38 -21.38 28.05
C ALA B 313 8.97 -22.42 29.10
N LYS B 314 8.82 -23.66 28.68
CA LYS B 314 8.48 -24.71 29.63
C LYS B 314 9.70 -24.89 30.59
N LYS B 315 10.92 -24.96 30.05
CA LYS B 315 12.05 -25.16 30.95
C LYS B 315 12.45 -23.90 31.76
N GLU B 316 12.35 -22.71 31.16
CA GLU B 316 12.81 -21.50 31.86
C GLU B 316 11.74 -20.77 32.65
N LEU B 317 10.46 -21.01 32.38
CA LEU B 317 9.47 -20.17 33.04
C LEU B 317 8.38 -20.95 33.71
N GLY B 318 8.42 -22.28 33.60
CA GLY B 318 7.39 -23.09 34.22
C GLY B 318 6.11 -23.19 33.38
N TYR B 319 6.12 -22.51 32.24
CA TYR B 319 4.99 -22.46 31.34
C TYR B 319 4.50 -23.86 31.09
N ALA B 320 3.22 -24.07 31.40
CA ALA B 320 2.56 -25.37 31.23
C ALA B 320 1.27 -25.15 30.43
N PRO B 321 1.37 -25.11 29.11
CA PRO B 321 0.14 -24.84 28.30
C PRO B 321 -0.76 -26.07 28.22
N ARG B 322 -2.06 -25.87 27.95
CA ARG B 322 -2.97 -26.98 27.79
C ARG B 322 -3.19 -27.41 26.33
N PRO B 323 -3.84 -28.57 26.09
CA PRO B 323 -3.98 -29.01 24.70
C PRO B 323 -4.99 -28.15 23.96
N ALA B 324 -4.99 -28.25 22.64
CA ALA B 324 -5.82 -27.45 21.77
C ALA B 324 -7.29 -27.68 22.04
N ARG B 325 -7.61 -28.90 22.45
CA ARG B 325 -8.94 -29.32 22.74
C ARG B 325 -9.61 -28.38 23.74
N ASP B 326 -8.86 -27.97 24.76
CA ASP B 326 -9.40 -27.13 25.83
C ASP B 326 -9.72 -25.78 25.28
N ALA B 327 -8.80 -25.24 24.47
CA ALA B 327 -8.95 -23.94 23.84
C ALA B 327 -10.18 -23.87 22.96
N VAL B 328 -10.36 -24.91 22.15
CA VAL B 328 -11.40 -24.91 21.17
C VAL B 328 -12.71 -25.19 21.89
N THR B 329 -12.67 -26.11 22.84
CA THR B 329 -13.83 -26.42 23.67
C THR B 329 -14.37 -25.17 24.42
N ASP B 330 -13.46 -24.41 25.03
CA ASP B 330 -13.83 -23.16 25.72
C ASP B 330 -14.41 -22.12 24.76
N ALA B 331 -13.79 -21.95 23.60
CA ALA B 331 -14.30 -21.04 22.57
C ALA B 331 -15.74 -21.34 22.14
N ILE B 332 -16.01 -22.62 21.84
CA ILE B 332 -17.33 -23.06 21.41
C ILE B 332 -18.36 -22.73 22.52
N ALA B 333 -18.03 -23.06 23.77
CA ALA B 333 -18.92 -22.79 24.90
C ALA B 333 -19.32 -21.30 24.95
N TRP B 334 -18.33 -20.42 24.96
CA TRP B 334 -18.59 -19.00 25.03
C TRP B 334 -19.44 -18.60 23.85
N PHE B 335 -19.09 -19.10 22.67
CA PHE B 335 -19.83 -18.75 21.47
C PHE B 335 -21.30 -19.14 21.64
N ARG B 336 -21.54 -20.21 22.39
CA ARG B 336 -22.90 -20.69 22.59
C ARG B 336 -23.69 -19.79 23.51
N GLN B 337 -23.08 -19.45 24.66
CA GLN B 337 -23.72 -18.65 25.70
C GLN B 337 -24.04 -17.22 25.26
N HIS B 338 -23.31 -16.69 24.29
CA HIS B 338 -23.47 -15.29 23.83
C HIS B 338 -23.92 -15.16 22.38
N GLY B 339 -24.68 -16.15 21.91
CA GLY B 339 -25.38 -16.11 20.63
C GLY B 339 -24.58 -15.92 19.33
N ARG B 340 -23.36 -16.44 19.26
CA ARG B 340 -22.68 -16.44 17.96
C ARG B 340 -22.98 -17.76 17.23
N MET B 341 -23.51 -18.74 17.99
CA MET B 341 -23.89 -20.10 17.51
C MET B 341 -24.89 -20.88 18.45
N LYS B 342 -25.29 -22.09 18.04
CA LYS B 342 -26.30 -22.88 18.76
C LYS B 342 -25.75 -23.99 19.69
N ASN C 13 41.50 13.78 -2.52
CA ASN C 13 40.20 13.15 -2.90
C ASN C 13 40.42 12.12 -4.03
N ASP C 14 40.68 10.87 -3.63
CA ASP C 14 41.11 9.79 -4.55
C ASP C 14 40.09 8.69 -4.88
N VAL C 15 39.14 8.43 -4.00
CA VAL C 15 38.38 7.19 -4.09
C VAL C 15 37.09 7.28 -4.91
N THR C 16 36.94 6.34 -5.83
CA THR C 16 35.68 6.09 -6.55
C THR C 16 34.73 5.24 -5.67
N LEU C 17 33.62 5.85 -5.22
CA LEU C 17 32.56 5.14 -4.43
C LEU C 17 31.40 4.59 -5.30
N VAL C 18 30.94 3.38 -4.96
CA VAL C 18 29.87 2.68 -5.69
C VAL C 18 28.95 2.05 -4.66
N THR C 19 27.66 2.40 -4.69
CA THR C 19 26.61 1.65 -3.91
C THR C 19 26.02 0.53 -4.74
N GLY C 20 25.37 -0.44 -4.10
CA GLY C 20 24.67 -1.49 -4.83
C GLY C 20 25.57 -2.45 -5.57
N ALA C 21 26.81 -2.61 -5.08
CA ALA C 21 27.84 -3.37 -5.80
C ALA C 21 27.58 -4.84 -5.63
N THR C 22 26.84 -5.11 -4.57
CA THR C 22 26.25 -6.42 -4.30
C THR C 22 25.10 -6.75 -5.26
N GLY C 23 24.55 -5.72 -5.92
CA GLY C 23 23.40 -5.90 -6.81
C GLY C 23 23.83 -6.53 -8.12
N PHE C 24 22.86 -6.94 -8.91
CA PHE C 24 23.16 -7.43 -10.22
C PHE C 24 23.86 -6.35 -11.03
N VAL C 25 23.42 -5.09 -10.94
CA VAL C 25 23.97 -4.06 -11.82
C VAL C 25 25.26 -3.48 -11.25
N GLY C 26 25.32 -3.29 -9.93
CA GLY C 26 26.56 -2.88 -9.27
C GLY C 26 27.72 -3.83 -9.52
N SER C 27 27.46 -5.13 -9.36
CA SER C 27 28.48 -6.15 -9.59
C SER C 27 29.11 -5.99 -10.96
N ALA C 28 28.36 -5.43 -11.90
CA ALA C 28 28.92 -5.21 -13.21
C ALA C 28 29.71 -3.90 -13.28
N VAL C 29 29.38 -2.94 -12.40
CA VAL C 29 29.92 -1.58 -12.41
C VAL C 29 31.39 -1.60 -11.91
N ALA C 30 31.58 -2.04 -10.65
CA ALA C 30 32.89 -2.34 -10.04
C ALA C 30 33.87 -3.05 -11.00
N ARG C 31 33.51 -4.28 -11.38
CA ARG C 31 34.18 -5.06 -12.44
C ARG C 31 34.74 -4.22 -13.58
N VAL C 32 33.93 -3.29 -14.09
CA VAL C 32 34.35 -2.45 -15.20
C VAL C 32 35.27 -1.35 -14.67
N LEU C 33 35.07 -0.95 -13.41
CA LEU C 33 35.88 0.11 -12.83
C LEU C 33 37.26 -0.34 -12.37
N GLU C 34 37.35 -1.64 -12.08
CA GLU C 34 38.61 -2.34 -11.86
C GLU C 34 39.41 -2.36 -13.15
N GLU C 35 38.82 -2.95 -14.18
CA GLU C 35 39.31 -2.89 -15.56
C GLU C 35 39.73 -1.47 -16.00
N ARG C 36 39.39 -0.47 -15.20
CA ARG C 36 39.84 0.88 -15.51
C ARG C 36 40.83 1.45 -14.50
N GLY C 37 41.00 0.77 -13.38
CA GLY C 37 41.99 1.16 -12.39
C GLY C 37 41.57 2.34 -11.53
N HIS C 38 40.28 2.49 -11.29
CA HIS C 38 39.81 3.36 -10.23
C HIS C 38 40.17 2.67 -8.91
N ARG C 39 40.52 3.47 -7.90
CA ARG C 39 40.58 2.95 -6.54
C ARG C 39 39.17 2.96 -5.96
N LEU C 40 38.61 1.77 -5.74
CA LEU C 40 37.19 1.62 -5.33
C LEU C 40 36.89 1.48 -3.82
N ARG C 41 35.73 2.00 -3.45
CA ARG C 41 35.12 1.75 -2.16
C ARG C 41 33.64 1.40 -2.43
N LEU C 42 33.19 0.34 -1.76
CA LEU C 42 31.89 -0.22 -1.99
C LEU C 42 31.05 -0.02 -0.75
N LEU C 43 30.03 0.81 -0.85
CA LEU C 43 28.97 0.83 0.17
C LEU C 43 28.10 -0.44 0.12
N VAL C 44 27.76 -0.96 1.29
CA VAL C 44 27.28 -2.32 1.43
C VAL C 44 26.51 -2.37 2.73
N ARG C 45 25.37 -3.04 2.68
CA ARG C 45 24.43 -3.06 3.80
C ARG C 45 24.79 -4.18 4.78
N PRO C 46 24.57 -3.96 6.11
CA PRO C 46 24.94 -4.89 7.19
C PRO C 46 24.50 -6.33 6.93
N THR C 47 23.25 -6.51 6.52
CA THR C 47 22.74 -7.84 6.14
C THR C 47 23.37 -8.29 4.83
N SER C 48 22.73 -7.89 3.72
CA SER C 48 23.11 -8.21 2.31
C SER C 48 24.30 -9.14 2.12
N ASP C 49 24.05 -10.28 1.48
CA ASP C 49 25.08 -11.27 1.26
C ASP C 49 26.15 -10.80 0.27
N ARG C 50 27.37 -10.84 0.77
CA ARG C 50 28.51 -10.15 0.18
C ARG C 50 29.16 -10.93 -0.98
N SER C 51 28.39 -11.86 -1.54
CA SER C 51 28.83 -12.77 -2.60
C SER C 51 29.53 -12.18 -3.83
N ASN C 52 29.12 -11.00 -4.28
CA ASN C 52 29.72 -10.41 -5.49
C ASN C 52 30.76 -9.31 -5.26
N ILE C 53 31.02 -9.00 -3.99
CA ILE C 53 32.15 -8.13 -3.62
C ILE C 53 33.41 -9.00 -3.37
N ALA C 54 33.26 -10.29 -3.67
CA ALA C 54 34.04 -11.39 -3.09
C ALA C 54 35.57 -11.26 -3.16
N GLU C 55 36.13 -11.20 -4.37
CA GLU C 55 37.57 -10.97 -4.49
C GLU C 55 37.92 -9.74 -5.29
N LEU C 56 36.98 -8.80 -5.28
CA LEU C 56 37.24 -7.48 -5.83
C LEU C 56 38.18 -6.76 -4.89
N ASN C 57 39.18 -6.13 -5.50
CA ASN C 57 40.07 -5.22 -4.81
C ASN C 57 39.36 -3.88 -4.54
N ALA C 58 38.90 -3.73 -3.31
CA ALA C 58 38.04 -2.59 -2.95
C ALA C 58 37.98 -2.38 -1.43
N GLU C 59 37.74 -1.13 -1.01
CA GLU C 59 37.48 -0.80 0.39
C GLU C 59 36.04 -1.19 0.71
N LEU C 60 35.70 -1.40 1.98
CA LEU C 60 34.38 -1.96 2.33
C LEU C 60 33.55 -1.19 3.38
N ALA C 61 33.29 0.08 3.12
CA ALA C 61 32.34 0.88 3.91
C ALA C 61 30.93 0.26 4.10
N VAL C 62 30.54 0.04 5.35
CA VAL C 62 29.21 -0.52 5.67
C VAL C 62 28.23 0.62 5.97
N GLY C 63 27.14 0.67 5.20
CA GLY C 63 26.16 1.76 5.32
C GLY C 63 24.77 1.47 4.80
N ASP C 64 23.85 2.40 5.08
CA ASP C 64 22.41 2.26 4.79
C ASP C 64 21.79 3.59 4.38
N LEU C 65 21.39 3.70 3.12
CA LEU C 65 20.92 4.99 2.58
C LEU C 65 19.76 5.64 3.36
N SER C 66 19.19 4.88 4.30
CA SER C 66 18.00 5.30 5.05
C SER C 66 18.26 6.42 6.09
N ASP C 67 19.51 6.48 6.58
CA ASP C 67 19.96 7.49 7.57
C ASP C 67 21.31 8.07 7.16
N PRO C 68 21.40 9.43 7.10
CA PRO C 68 22.53 10.23 6.55
C PRO C 68 23.88 10.04 7.30
N ASP C 69 23.77 9.43 8.46
CA ASP C 69 24.84 9.37 9.43
C ASP C 69 25.85 8.31 9.08
N THR C 70 25.39 7.16 8.55
CA THR C 70 26.29 6.15 7.99
C THR C 70 27.02 6.60 6.69
N LEU C 71 26.63 7.76 6.18
CA LEU C 71 27.05 8.19 4.84
C LEU C 71 28.21 9.16 4.85
N ALA C 72 28.12 10.18 5.70
CA ALA C 72 29.19 11.16 5.93
C ALA C 72 30.60 10.51 5.96
N PRO C 73 30.79 9.46 6.80
CA PRO C 73 31.98 8.59 6.85
C PRO C 73 32.37 7.98 5.51
N ALA C 74 31.45 7.28 4.87
CA ALA C 74 31.76 6.50 3.67
C ALA C 74 32.10 7.39 2.48
N LEU C 75 31.51 8.58 2.46
CA LEU C 75 31.75 9.55 1.40
C LEU C 75 33.10 10.27 1.48
N LYS C 76 33.61 10.46 2.71
CA LYS C 76 34.83 11.26 2.99
C LYS C 76 36.05 10.86 2.16
N GLY C 77 36.54 11.78 1.34
CA GLY C 77 37.69 11.51 0.47
C GLY C 77 37.31 10.86 -0.85
N VAL C 78 36.05 11.05 -1.25
CA VAL C 78 35.54 10.49 -2.50
C VAL C 78 35.32 11.58 -3.56
N LYS C 79 35.87 11.34 -4.74
CA LYS C 79 35.83 12.30 -5.84
C LYS C 79 34.64 11.95 -6.76
N ILE C 80 34.45 10.65 -6.99
CA ILE C 80 33.51 10.15 -7.96
C ILE C 80 32.57 9.14 -7.31
N LEU C 81 31.27 9.40 -7.46
CA LEU C 81 30.19 8.55 -6.95
C LEU C 81 29.29 7.92 -8.05
N PHE C 82 29.21 6.60 -8.04
CA PHE C 82 28.24 5.86 -8.86
C PHE C 82 27.15 5.36 -7.93
N HIS C 83 25.94 5.92 -8.03
CA HIS C 83 24.81 5.41 -7.23
C HIS C 83 23.92 4.42 -7.99
N VAL C 84 24.09 3.13 -7.70
CA VAL C 84 23.29 2.09 -8.33
C VAL C 84 22.32 1.44 -7.31
N ALA C 85 21.03 1.57 -7.53
CA ALA C 85 20.02 0.82 -6.76
C ALA C 85 20.42 -0.64 -6.54
N ALA C 86 20.32 -1.13 -5.32
CA ALA C 86 20.85 -2.47 -5.01
C ALA C 86 19.89 -3.58 -5.43
N ASP C 87 18.59 -3.30 -5.31
CA ASP C 87 17.59 -4.24 -5.74
C ASP C 87 16.95 -3.84 -7.06
N TYR C 88 17.25 -4.63 -8.09
CA TYR C 88 16.57 -4.54 -9.39
C TYR C 88 15.26 -5.35 -9.36
N ARG C 89 14.12 -4.65 -9.54
CA ARG C 89 12.74 -5.21 -9.46
C ARG C 89 12.40 -6.28 -8.38
N LEU C 90 12.98 -6.14 -7.20
CA LEU C 90 12.72 -7.05 -6.10
C LEU C 90 11.24 -7.10 -5.66
N TRP C 91 10.54 -8.16 -6.00
CA TRP C 91 9.25 -8.37 -5.36
C TRP C 91 9.37 -8.21 -3.85
N VAL C 92 8.47 -7.39 -3.27
CA VAL C 92 8.34 -7.25 -1.82
C VAL C 92 6.88 -7.25 -1.38
N PRO C 93 6.61 -7.58 -0.12
CA PRO C 93 5.17 -7.47 0.21
C PRO C 93 4.68 -6.03 0.47
N ASP C 94 5.64 -5.08 0.62
CA ASP C 94 5.35 -3.67 0.97
C ASP C 94 5.83 -2.67 -0.08
N PRO C 95 5.25 -2.75 -1.27
CA PRO C 95 5.87 -1.96 -2.34
C PRO C 95 5.82 -0.44 -2.16
N GLU C 96 4.81 0.12 -1.52
CA GLU C 96 4.76 1.58 -1.37
C GLU C 96 5.74 2.05 -0.33
N THR C 97 5.94 1.26 0.72
CA THR C 97 6.98 1.54 1.69
C THR C 97 8.33 1.49 1.04
N MET C 98 8.51 0.61 0.08
CA MET C 98 9.84 0.43 -0.56
C MET C 98 10.10 1.63 -1.46
N MET C 99 9.08 2.08 -2.17
CA MET C 99 9.17 3.28 -2.95
C MET C 99 9.54 4.52 -2.13
N LYS C 100 8.89 4.71 -0.98
CA LYS C 100 9.30 5.75 -0.08
C LYS C 100 10.81 5.58 0.31
N ALA C 101 11.21 4.40 0.79
CA ALA C 101 12.62 4.19 1.11
C ALA C 101 13.59 4.49 -0.07
N ASN C 102 13.25 4.09 -1.31
CA ASN C 102 14.11 4.36 -2.47
C ASN C 102 14.18 5.81 -2.85
N VAL C 103 13.07 6.54 -2.78
CA VAL C 103 13.10 7.96 -3.08
C VAL C 103 13.96 8.71 -2.07
N GLU C 104 13.67 8.51 -0.78
CA GLU C 104 14.40 9.20 0.27
C GLU C 104 15.85 8.76 0.43
N GLY C 105 16.14 7.48 0.27
CA GLY C 105 17.52 7.01 0.23
C GLY C 105 18.34 7.72 -0.83
N THR C 106 17.70 8.03 -1.97
CA THR C 106 18.34 8.78 -3.05
C THR C 106 18.51 10.25 -2.71
N ARG C 107 17.45 10.91 -2.20
CA ARG C 107 17.57 12.27 -1.67
C ARG C 107 18.72 12.38 -0.62
N ASN C 108 18.71 11.53 0.41
CA ASN C 108 19.75 11.56 1.44
C ASN C 108 21.14 11.48 0.81
N LEU C 109 21.36 10.41 0.04
CA LEU C 109 22.65 10.20 -0.62
C LEU C 109 23.12 11.42 -1.38
N MET C 110 22.27 11.97 -2.23
CA MET C 110 22.58 13.15 -3.03
C MET C 110 22.95 14.36 -2.13
N LEU C 111 22.19 14.59 -1.05
CA LEU C 111 22.57 15.61 -0.06
C LEU C 111 23.93 15.32 0.60
N ALA C 112 24.17 14.07 0.99
CA ALA C 112 25.47 13.80 1.60
C ALA C 112 26.63 14.04 0.63
N ALA C 113 26.36 13.92 -0.67
CA ALA C 113 27.40 14.03 -1.69
C ALA C 113 27.82 15.47 -1.91
N LEU C 114 26.86 16.37 -1.72
CA LEU C 114 27.09 17.81 -1.78
C LEU C 114 28.08 18.22 -0.70
N GLU C 115 27.75 17.83 0.55
CA GLU C 115 28.57 18.06 1.73
C GLU C 115 29.98 17.65 1.44
N ALA C 116 30.15 16.38 1.14
CA ALA C 116 31.46 15.75 1.02
C ALA C 116 32.34 16.28 -0.12
N GLY C 117 31.82 17.20 -0.92
CA GLY C 117 32.58 17.76 -2.03
C GLY C 117 32.86 16.85 -3.21
N VAL C 118 32.01 15.83 -3.43
CA VAL C 118 32.11 14.94 -4.60
C VAL C 118 32.07 15.76 -5.88
N GLU C 119 32.96 15.46 -6.82
CA GLU C 119 33.04 16.23 -8.08
C GLU C 119 31.99 15.77 -9.08
N LYS C 120 31.94 14.45 -9.34
CA LYS C 120 31.02 13.88 -10.34
C LYS C 120 30.20 12.72 -9.77
N ILE C 121 28.90 12.78 -10.00
CA ILE C 121 28.00 11.72 -9.59
C ILE C 121 27.42 11.07 -10.83
N ILE C 122 27.50 9.74 -10.88
CA ILE C 122 26.74 9.01 -11.88
C ILE C 122 25.54 8.31 -11.27
N TYR C 123 24.37 8.75 -11.71
CA TYR C 123 23.11 8.24 -11.20
C TYR C 123 22.55 7.15 -12.07
N CYS C 124 22.25 6.02 -11.45
CA CYS C 124 21.63 4.94 -12.18
C CYS C 124 20.11 5.04 -12.00
N SER C 125 19.43 5.36 -13.10
CA SER C 125 17.98 5.49 -13.16
C SER C 125 17.48 4.35 -14.01
N SER C 126 16.66 4.54 -15.02
CA SER C 126 16.13 3.38 -15.74
C SER C 126 15.22 3.91 -16.80
N VAL C 127 15.06 3.15 -17.86
CA VAL C 127 14.08 3.52 -18.87
C VAL C 127 12.67 3.60 -18.25
N ALA C 128 12.42 2.84 -17.17
CA ALA C 128 11.13 2.94 -16.48
C ALA C 128 10.77 4.37 -16.03
N ALA C 129 11.74 5.26 -15.96
CA ALA C 129 11.52 6.62 -15.51
C ALA C 129 11.12 7.45 -16.70
N LEU C 130 11.27 6.89 -17.90
CA LEU C 130 11.11 7.67 -19.14
C LEU C 130 9.71 7.55 -19.80
N GLY C 131 9.46 8.37 -20.82
CA GLY C 131 8.20 8.30 -21.58
C GLY C 131 8.24 7.20 -22.62
N LEU C 132 7.07 6.83 -23.08
CA LEU C 132 6.93 5.79 -24.08
C LEU C 132 6.14 6.31 -25.21
N ARG C 133 6.39 5.76 -26.38
CA ARG C 133 5.63 6.12 -27.58
C ARG C 133 4.48 5.14 -27.80
N SER C 134 3.43 5.60 -28.46
CA SER C 134 2.24 4.78 -28.77
C SER C 134 2.42 4.09 -30.11
N ASP C 135 3.20 4.68 -31.00
CA ASP C 135 3.41 4.11 -32.33
C ASP C 135 4.42 2.93 -32.46
N GLY C 136 5.11 2.56 -31.40
CA GLY C 136 6.17 1.56 -31.50
C GLY C 136 7.47 2.03 -32.17
N VAL C 137 7.71 3.34 -32.24
CA VAL C 137 9.04 3.85 -32.52
C VAL C 137 9.81 3.91 -31.20
N PRO C 138 11.08 3.46 -31.17
CA PRO C 138 11.79 3.55 -29.90
C PRO C 138 11.76 4.94 -29.28
N ALA C 139 11.36 5.05 -28.03
CA ALA C 139 11.42 6.33 -27.34
C ALA C 139 12.88 6.72 -27.01
N ASP C 140 13.12 7.95 -26.56
CA ASP C 140 14.48 8.41 -26.20
C ASP C 140 14.35 9.32 -25.00
N GLU C 141 15.48 9.91 -24.57
CA GLU C 141 15.55 10.85 -23.38
C GLU C 141 14.54 12.00 -23.45
N THR C 142 14.17 12.33 -24.66
CA THR C 142 13.31 13.44 -24.99
C THR C 142 11.80 13.13 -24.94
N THR C 143 11.41 11.86 -24.98
CA THR C 143 9.99 11.53 -24.98
C THR C 143 9.22 12.06 -23.74
N PRO C 144 8.12 12.77 -23.94
CA PRO C 144 7.47 13.38 -22.75
C PRO C 144 6.91 12.33 -21.80
N VAL C 145 7.02 12.57 -20.49
CA VAL C 145 6.35 11.75 -19.49
C VAL C 145 5.62 12.60 -18.49
N SER C 146 4.46 12.14 -18.01
CA SER C 146 3.85 12.75 -16.80
C SER C 146 3.51 11.67 -15.79
N GLU C 147 3.48 12.03 -14.50
CA GLU C 147 3.15 11.08 -13.41
C GLU C 147 1.93 10.21 -13.71
N SER C 148 0.89 10.83 -14.24
CA SER C 148 -0.43 10.21 -14.39
C SER C 148 -0.39 9.14 -15.47
N GLN C 149 0.60 9.20 -16.33
CA GLN C 149 0.81 8.14 -17.31
C GLN C 149 1.43 6.86 -16.73
N VAL C 150 1.93 6.91 -15.50
CA VAL C 150 2.78 5.85 -14.97
C VAL C 150 1.98 4.72 -14.31
N ILE C 151 2.36 3.48 -14.63
CA ILE C 151 1.48 2.34 -14.51
C ILE C 151 1.64 1.52 -13.21
N GLY C 152 2.88 1.14 -12.85
CA GLY C 152 3.06 0.37 -11.62
C GLY C 152 3.96 1.07 -10.60
N ILE C 153 4.08 0.48 -9.41
CA ILE C 153 4.91 1.10 -8.39
C ILE C 153 6.38 1.14 -8.73
N TYR C 154 6.95 0.03 -9.21
CA TYR C 154 8.33 0.05 -9.68
C TYR C 154 8.61 1.24 -10.60
N LYS C 155 7.76 1.42 -11.61
CA LYS C 155 7.89 2.55 -12.56
C LYS C 155 7.74 3.87 -11.87
N LEU C 156 6.72 4.01 -11.03
CA LEU C 156 6.49 5.22 -10.26
C LEU C 156 7.71 5.57 -9.41
N SER C 157 8.25 4.53 -8.81
CA SER C 157 9.40 4.69 -7.98
C SER C 157 10.53 5.22 -8.79
N LYS C 158 10.80 4.59 -9.91
CA LYS C 158 11.96 5.00 -10.67
C LYS C 158 11.80 6.43 -11.14
N TYR C 159 10.55 6.80 -11.44
CA TYR C 159 10.16 8.10 -11.98
C TYR C 159 10.38 9.18 -10.93
N ARG C 160 9.89 8.92 -9.72
CA ARG C 160 10.01 9.92 -8.67
C ARG C 160 11.46 10.17 -8.26
N ALA C 161 12.26 9.11 -8.18
CA ALA C 161 13.65 9.26 -7.78
C ALA C 161 14.42 10.06 -8.83
N GLU C 162 14.22 9.76 -10.09
CA GLU C 162 14.80 10.61 -11.09
C GLU C 162 14.27 12.07 -11.01
N GLN C 163 12.95 12.28 -10.93
CA GLN C 163 12.45 13.66 -10.73
C GLN C 163 13.10 14.34 -9.52
N GLU C 164 13.50 13.57 -8.50
CA GLU C 164 14.29 14.15 -7.41
C GLU C 164 15.69 14.53 -7.84
N VAL C 165 16.45 13.57 -8.37
CA VAL C 165 17.79 13.89 -8.87
C VAL C 165 17.79 15.08 -9.83
N LEU C 166 16.82 15.20 -10.74
CA LEU C 166 16.72 16.37 -11.64
C LEU C 166 16.53 17.69 -10.85
N ARG C 167 15.77 17.63 -9.76
CA ARG C 167 15.59 18.81 -8.94
C ARG C 167 16.91 19.27 -8.30
N LEU C 168 17.69 18.34 -7.74
CA LEU C 168 18.98 18.67 -7.10
C LEU C 168 19.98 19.21 -8.11
N ILE C 169 19.91 18.67 -9.32
CA ILE C 169 20.72 19.15 -10.44
C ILE C 169 20.40 20.62 -10.71
N ARG C 170 19.09 20.95 -10.68
CA ARG C 170 18.57 22.24 -11.10
C ARG C 170 18.77 23.32 -10.08
N GLU C 171 18.48 23.02 -8.83
CA GLU C 171 18.27 24.05 -7.79
C GLU C 171 19.33 24.02 -6.70
N LYS C 172 20.27 23.09 -6.78
CA LYS C 172 21.24 22.90 -5.72
C LYS C 172 22.56 22.48 -6.35
N ASN C 173 22.58 22.48 -7.68
CA ASN C 173 23.79 22.20 -8.47
C ASN C 173 24.43 20.85 -8.23
N LEU C 174 23.60 19.81 -8.25
CA LEU C 174 24.12 18.48 -8.09
C LEU C 174 24.98 18.10 -9.32
N PRO C 175 26.21 17.66 -9.07
CA PRO C 175 27.05 17.39 -10.22
C PRO C 175 26.81 15.98 -10.77
N ALA C 176 25.56 15.70 -11.11
CA ALA C 176 25.14 14.36 -11.52
C ALA C 176 24.89 14.23 -13.00
N ILE C 177 25.38 13.14 -13.57
CA ILE C 177 24.96 12.68 -14.89
C ILE C 177 24.01 11.50 -14.70
N ILE C 178 22.93 11.45 -15.48
CA ILE C 178 21.92 10.39 -15.31
C ILE C 178 22.06 9.34 -16.38
N VAL C 179 22.02 8.09 -15.94
CA VAL C 179 22.07 6.95 -16.84
C VAL C 179 20.78 6.13 -16.70
N ASN C 180 20.22 5.71 -17.84
CA ASN C 180 18.96 4.97 -17.84
C ASN C 180 19.09 3.62 -18.55
N PRO C 181 19.50 2.58 -17.81
CA PRO C 181 19.51 1.31 -18.54
C PRO C 181 18.12 0.74 -18.89
N SER C 182 18.02 -0.08 -19.93
CA SER C 182 16.84 -0.88 -20.15
C SER C 182 16.93 -2.16 -19.28
N THR C 183 16.57 -3.34 -19.80
CA THR C 183 16.50 -4.46 -18.87
C THR C 183 17.75 -5.36 -18.94
N PRO C 184 18.54 -5.38 -17.86
CA PRO C 184 19.86 -6.07 -17.80
C PRO C 184 19.78 -7.58 -17.85
N VAL C 185 20.45 -8.19 -18.83
CA VAL C 185 20.64 -9.64 -18.80
C VAL C 185 22.14 -9.98 -18.80
N GLY C 186 22.51 -10.91 -17.91
CA GLY C 186 23.82 -11.52 -17.94
C GLY C 186 24.20 -12.41 -16.79
N PRO C 187 25.51 -12.58 -16.53
CA PRO C 187 25.93 -13.47 -15.45
C PRO C 187 25.69 -12.83 -14.06
N ARG C 188 25.73 -13.65 -13.01
CA ARG C 188 25.67 -13.18 -11.62
C ARG C 188 24.29 -12.59 -11.27
N ASP C 189 23.25 -13.17 -11.88
CA ASP C 189 21.90 -12.78 -11.59
C ASP C 189 21.36 -13.68 -10.48
N ILE C 190 21.75 -13.32 -9.26
CA ILE C 190 21.58 -14.11 -8.05
C ILE C 190 20.12 -14.40 -7.64
N LYS C 191 19.26 -13.39 -7.63
CA LYS C 191 17.88 -13.53 -7.12
C LYS C 191 17.08 -14.67 -7.80
N PRO C 192 16.87 -14.65 -9.13
CA PRO C 192 17.18 -13.68 -10.16
C PRO C 192 16.15 -12.58 -10.26
N THR C 193 16.60 -11.45 -10.72
CA THR C 193 15.86 -10.53 -11.55
C THR C 193 14.63 -11.20 -12.23
N PRO C 194 13.46 -10.51 -12.28
CA PRO C 194 12.25 -11.10 -12.97
C PRO C 194 12.52 -11.63 -14.39
N THR C 195 13.29 -10.88 -15.19
CA THR C 195 13.77 -11.36 -16.49
C THR C 195 14.65 -12.63 -16.44
N GLY C 196 15.60 -12.67 -15.50
CA GLY C 196 16.38 -13.89 -15.24
C GLY C 196 15.47 -15.06 -14.91
N GLN C 197 14.42 -14.79 -14.13
CA GLN C 197 13.47 -15.84 -13.82
C GLN C 197 12.78 -16.32 -15.11
N MET C 198 12.45 -15.39 -16.00
CA MET C 198 11.82 -15.73 -17.27
C MET C 198 12.77 -16.52 -18.13
N ILE C 199 14.03 -16.14 -18.18
CA ILE C 199 15.02 -17.03 -18.82
C ILE C 199 15.15 -18.44 -18.20
N LEU C 200 15.18 -18.57 -16.88
CA LEU C 200 15.11 -19.92 -16.28
C LEU C 200 13.86 -20.70 -16.61
N ASP C 201 12.69 -20.05 -16.51
CA ASP C 201 11.47 -20.78 -16.76
C ASP C 201 11.46 -21.22 -18.21
N CYS C 202 11.97 -20.36 -19.07
CA CYS C 202 12.04 -20.69 -20.48
C CYS C 202 13.06 -21.76 -20.81
N ALA C 203 14.28 -21.61 -20.30
CA ALA C 203 15.38 -22.53 -20.58
C ALA C 203 15.09 -23.97 -20.15
N SER C 204 14.21 -24.14 -19.17
CA SER C 204 13.91 -25.43 -18.58
C SER C 204 12.65 -26.09 -19.15
N GLY C 205 11.95 -25.42 -20.04
CA GLY C 205 10.72 -25.97 -20.59
C GLY C 205 9.49 -25.72 -19.74
N ASN C 206 9.59 -24.90 -18.67
CA ASN C 206 8.46 -24.54 -17.77
C ASN C 206 7.57 -23.32 -18.12
N MET C 207 7.50 -22.94 -19.40
CA MET C 207 6.70 -21.78 -19.78
C MET C 207 5.78 -22.14 -20.91
N PRO C 208 4.49 -22.32 -20.60
CA PRO C 208 3.52 -22.72 -21.61
C PRO C 208 3.06 -21.51 -22.42
N ALA C 209 2.83 -20.42 -21.71
CA ALA C 209 2.23 -19.26 -22.26
C ALA C 209 3.02 -18.04 -21.84
N TYR C 210 2.80 -16.94 -22.55
CA TYR C 210 3.31 -15.62 -22.20
C TYR C 210 2.44 -14.57 -22.90
N VAL C 211 2.49 -13.33 -22.42
CA VAL C 211 1.75 -12.22 -23.04
C VAL C 211 2.71 -11.51 -23.96
N GLU C 212 2.26 -11.11 -25.13
CA GLU C 212 3.17 -10.47 -26.06
C GLU C 212 3.45 -9.01 -25.69
N THR C 213 4.73 -8.71 -25.43
CA THR C 213 5.19 -7.33 -25.31
C THR C 213 6.48 -7.13 -26.07
N GLY C 214 6.93 -5.89 -26.06
CA GLY C 214 8.28 -5.60 -26.47
C GLY C 214 9.09 -5.10 -25.30
N LEU C 215 10.37 -5.36 -25.38
CA LEU C 215 11.28 -5.18 -24.32
C LEU C 215 12.54 -4.67 -24.98
N ASN C 216 13.41 -4.02 -24.22
CA ASN C 216 14.77 -3.72 -24.66
C ASN C 216 15.77 -4.45 -23.76
N ILE C 217 16.46 -5.45 -24.29
CA ILE C 217 17.39 -6.26 -23.48
C ILE C 217 18.77 -5.70 -23.66
N VAL C 218 19.50 -5.58 -22.57
CA VAL C 218 20.87 -5.05 -22.67
C VAL C 218 21.84 -5.94 -21.87
N HIS C 219 23.00 -6.27 -22.45
CA HIS C 219 23.97 -7.12 -21.76
C HIS C 219 24.36 -6.37 -20.50
N VAL C 220 24.31 -7.03 -19.36
CA VAL C 220 24.52 -6.34 -18.11
C VAL C 220 25.87 -5.59 -18.02
N ASP C 221 26.90 -6.14 -18.68
CA ASP C 221 28.24 -5.56 -18.76
C ASP C 221 28.32 -4.34 -19.69
N ASP C 222 27.52 -4.34 -20.77
CA ASP C 222 27.34 -3.13 -21.57
C ASP C 222 26.73 -2.01 -20.73
N VAL C 223 25.87 -2.36 -19.75
CA VAL C 223 25.37 -1.32 -18.85
C VAL C 223 26.54 -0.82 -18.03
N ALA C 224 27.39 -1.74 -17.59
CA ALA C 224 28.61 -1.42 -16.83
C ALA C 224 29.51 -0.48 -17.62
N GLU C 225 29.82 -0.89 -18.84
CA GLU C 225 30.66 -0.09 -19.73
C GLU C 225 30.05 1.32 -19.79
N GLY C 226 28.75 1.37 -20.11
CA GLY C 226 28.00 2.61 -20.25
C GLY C 226 28.16 3.55 -19.07
N HIS C 227 28.24 2.99 -17.86
CA HIS C 227 28.41 3.81 -16.66
C HIS C 227 29.73 4.52 -16.70
N ALA C 228 30.74 3.81 -17.17
CA ALA C 228 32.09 4.35 -17.10
C ALA C 228 32.22 5.37 -18.21
N LEU C 229 31.73 5.00 -19.40
CA LEU C 229 31.72 5.89 -20.55
C LEU C 229 30.95 7.20 -20.26
N ALA C 230 30.00 7.16 -19.33
CA ALA C 230 29.19 8.33 -18.96
C ALA C 230 30.05 9.27 -18.12
N LEU C 231 30.81 8.65 -17.22
CA LEU C 231 31.78 9.34 -16.37
C LEU C 231 32.81 10.18 -17.15
N GLU C 232 33.23 9.64 -18.28
CA GLU C 232 34.43 10.08 -18.94
C GLU C 232 34.10 11.03 -20.07
N ARG C 233 32.81 11.15 -20.39
CA ARG C 233 32.43 11.93 -21.58
C ARG C 233 31.07 12.58 -21.51
N GLY C 234 30.44 12.60 -20.34
CA GLY C 234 29.04 12.98 -20.27
C GLY C 234 28.85 14.28 -19.52
N LYS C 235 27.90 15.09 -19.98
CA LYS C 235 27.58 16.36 -19.35
C LYS C 235 26.70 16.23 -18.12
N ILE C 236 27.04 17.00 -17.10
CA ILE C 236 26.17 17.26 -15.96
C ILE C 236 24.77 17.64 -16.46
N GLY C 237 23.75 17.05 -15.82
CA GLY C 237 22.34 17.36 -16.12
C GLY C 237 21.71 16.50 -17.20
N GLU C 238 22.52 15.77 -17.95
CA GLU C 238 22.01 15.03 -19.09
C GLU C 238 21.73 13.57 -18.75
N LYS C 239 20.73 13.01 -19.44
CA LYS C 239 20.37 11.61 -19.35
C LYS C 239 20.87 10.80 -20.52
N TYR C 240 21.19 9.54 -20.29
CA TYR C 240 21.69 8.68 -21.32
C TYR C 240 21.07 7.27 -21.14
N ILE C 241 20.24 6.89 -22.09
CA ILE C 241 19.71 5.52 -22.25
C ILE C 241 20.89 4.53 -22.51
N LEU C 242 20.92 3.44 -21.77
CA LEU C 242 21.93 2.42 -21.93
C LEU C 242 21.22 1.13 -22.30
N GLY C 243 20.74 1.08 -23.54
CA GLY C 243 20.05 -0.09 -23.99
C GLY C 243 20.88 -1.01 -24.85
N GLY C 244 20.19 -1.94 -25.49
CA GLY C 244 20.78 -2.98 -26.27
C GLY C 244 19.97 -3.17 -27.52
N GLU C 245 19.08 -4.15 -27.48
CA GLU C 245 18.27 -4.51 -28.63
C GLU C 245 16.77 -4.37 -28.25
N ASN C 246 15.97 -3.75 -29.10
CA ASN C 246 14.53 -3.81 -28.91
C ASN C 246 14.02 -5.07 -29.51
N ILE C 247 13.43 -5.94 -28.70
CA ILE C 247 12.87 -7.19 -29.22
C ILE C 247 11.49 -7.51 -28.65
N MET C 248 10.70 -8.22 -29.43
CA MET C 248 9.42 -8.71 -28.92
C MET C 248 9.74 -9.84 -27.99
N LEU C 249 8.97 -9.92 -26.90
CA LEU C 249 9.10 -10.98 -25.92
C LEU C 249 9.14 -12.39 -26.54
N GLY C 250 8.32 -12.64 -27.56
CA GLY C 250 8.29 -13.94 -28.24
C GLY C 250 9.63 -14.31 -28.85
N ASP C 251 10.23 -13.39 -29.59
CA ASP C 251 11.54 -13.60 -30.21
C ASP C 251 12.61 -13.82 -29.18
N LEU C 252 12.53 -13.11 -28.08
CA LEU C 252 13.39 -13.39 -26.95
C LEU C 252 13.33 -14.87 -26.56
N PHE C 253 12.12 -15.43 -26.49
CA PHE C 253 11.95 -16.82 -26.08
C PHE C 253 12.40 -17.83 -27.12
N ARG C 254 12.05 -17.62 -28.38
CA ARG C 254 12.64 -18.42 -29.45
C ARG C 254 14.18 -18.45 -29.31
N MET C 255 14.74 -17.28 -29.08
CA MET C 255 16.16 -17.14 -28.82
C MET C 255 16.64 -17.94 -27.60
N VAL C 256 16.00 -17.75 -26.44
CA VAL C 256 16.35 -18.50 -25.19
C VAL C 256 16.26 -20.02 -25.44
N SER C 257 15.21 -20.43 -26.13
CA SER C 257 14.94 -21.86 -26.36
C SER C 257 15.92 -22.57 -27.28
N GLN C 258 16.26 -21.93 -28.40
CA GLN C 258 17.25 -22.44 -29.33
C GLN C 258 18.61 -22.63 -28.65
N ILE C 259 19.03 -21.64 -27.86
CA ILE C 259 20.26 -21.70 -27.08
C ILE C 259 20.16 -22.71 -25.97
N ALA C 260 18.97 -22.94 -25.44
CA ALA C 260 18.81 -23.93 -24.36
C ALA C 260 18.67 -25.34 -24.91
N GLY C 261 18.53 -25.45 -26.23
CA GLY C 261 18.19 -26.72 -26.90
C GLY C 261 16.80 -27.23 -26.55
N VAL C 262 15.82 -26.33 -26.48
CA VAL C 262 14.45 -26.71 -26.10
C VAL C 262 13.36 -26.14 -27.04
N LYS C 263 12.15 -26.70 -26.96
CA LYS C 263 11.01 -26.19 -27.74
C LYS C 263 10.54 -24.80 -27.26
N PRO C 264 10.31 -23.86 -28.20
CA PRO C 264 9.80 -22.53 -27.76
C PRO C 264 8.39 -22.63 -27.13
N PRO C 265 7.99 -21.66 -26.29
CA PRO C 265 6.60 -21.71 -25.82
C PRO C 265 5.70 -21.47 -27.02
N ALA C 266 4.54 -22.11 -27.03
CA ALA C 266 3.71 -22.06 -28.24
C ALA C 266 2.33 -21.41 -28.01
N VAL C 267 2.19 -20.77 -26.85
CA VAL C 267 1.02 -20.04 -26.49
C VAL C 267 1.38 -18.57 -26.34
N LYS C 268 0.95 -17.79 -27.31
CA LYS C 268 1.24 -16.38 -27.30
C LYS C 268 -0.09 -15.65 -27.23
N LEU C 269 -0.36 -15.06 -26.06
CA LEU C 269 -1.54 -14.23 -25.75
C LEU C 269 -1.44 -12.78 -26.23
N LYS C 270 -2.34 -12.35 -27.10
CA LYS C 270 -2.38 -10.95 -27.53
C LYS C 270 -2.79 -10.03 -26.38
N GLN C 271 -2.27 -8.80 -26.43
CA GLN C 271 -2.48 -7.78 -25.41
C GLN C 271 -3.95 -7.43 -25.35
N SER C 272 -4.58 -7.38 -26.51
CA SER C 272 -5.99 -7.04 -26.53
C SER C 272 -6.90 -8.08 -25.84
N TRP C 273 -6.39 -9.27 -25.52
CA TRP C 273 -7.18 -10.29 -24.89
C TRP C 273 -7.35 -10.06 -23.39
N LEU C 274 -6.58 -9.11 -22.84
CA LEU C 274 -6.69 -8.81 -21.46
C LEU C 274 -7.83 -7.86 -21.19
N TYR C 275 -8.42 -7.31 -22.26
CA TYR C 275 -9.43 -6.28 -22.13
C TYR C 275 -10.63 -6.78 -21.32
N PRO C 276 -11.19 -7.95 -21.63
CA PRO C 276 -12.25 -8.43 -20.73
C PRO C 276 -11.80 -8.67 -19.30
N VAL C 277 -10.52 -8.98 -19.12
CA VAL C 277 -9.97 -9.23 -17.76
C VAL C 277 -9.93 -7.90 -17.01
N ALA C 278 -9.58 -6.82 -17.72
CA ALA C 278 -9.59 -5.49 -17.15
C ALA C 278 -11.00 -5.14 -16.71
N LEU C 279 -11.95 -5.50 -17.57
CA LEU C 279 -13.35 -5.18 -17.39
C LEU C 279 -13.85 -5.89 -16.15
N VAL C 280 -13.53 -7.19 -16.06
CA VAL C 280 -13.97 -8.00 -14.92
C VAL C 280 -13.42 -7.44 -13.60
N SER C 281 -12.11 -7.17 -13.62
CA SER C 281 -11.46 -6.49 -12.53
C SER C 281 -12.17 -5.15 -12.12
N GLU C 282 -12.55 -4.30 -13.08
CA GLU C 282 -13.30 -3.07 -12.72
C GLU C 282 -14.63 -3.43 -12.02
N TRP C 283 -15.32 -4.47 -12.50
CA TRP C 283 -16.62 -4.82 -11.92
C TRP C 283 -16.52 -5.45 -10.56
N LEU C 284 -15.57 -6.37 -10.37
CA LEU C 284 -15.45 -7.00 -9.09
C LEU C 284 -15.13 -5.95 -8.06
N ALA C 285 -14.17 -5.08 -8.38
CA ALA C 285 -13.87 -3.93 -7.52
C ALA C 285 -15.08 -3.05 -7.21
N ARG C 286 -15.84 -2.62 -8.22
CA ARG C 286 -17.02 -1.83 -7.91
C ARG C 286 -17.92 -2.57 -6.95
N GLY C 287 -18.10 -3.87 -7.14
CA GLY C 287 -19.04 -4.64 -6.32
C GLY C 287 -18.62 -4.81 -4.87
N PHE C 288 -17.31 -4.82 -4.66
CA PHE C 288 -16.71 -5.03 -3.37
C PHE C 288 -16.31 -3.73 -2.70
N GLY C 289 -16.64 -2.59 -3.35
CA GLY C 289 -16.29 -1.20 -2.94
C GLY C 289 -14.80 -0.95 -2.71
N ILE C 290 -13.93 -1.61 -3.47
CA ILE C 290 -12.50 -1.40 -3.32
C ILE C 290 -11.96 -0.76 -4.61
N GLU C 291 -10.69 -0.38 -4.59
CA GLU C 291 -10.04 0.24 -5.74
C GLU C 291 -9.51 -0.89 -6.67
N PRO C 292 -9.88 -0.84 -7.96
CA PRO C 292 -9.34 -1.80 -8.91
C PRO C 292 -7.83 -1.60 -9.08
N ARG C 293 -7.09 -2.68 -9.15
CA ARG C 293 -5.66 -2.55 -9.35
C ARG C 293 -5.33 -2.44 -10.84
N VAL C 294 -6.25 -2.88 -11.67
CA VAL C 294 -6.10 -2.97 -13.10
C VAL C 294 -7.42 -2.45 -13.66
N THR C 295 -7.36 -1.53 -14.63
CA THR C 295 -8.57 -1.08 -15.33
C THR C 295 -8.32 -1.00 -16.83
N ARG C 296 -9.33 -0.67 -17.61
CA ARG C 296 -9.11 -0.44 -19.05
C ARG C 296 -8.06 0.66 -19.32
N GLU C 297 -8.08 1.74 -18.56
CA GLU C 297 -7.04 2.78 -18.68
C GLU C 297 -5.58 2.35 -18.37
N THR C 298 -5.42 1.56 -17.33
CA THR C 298 -4.20 0.80 -17.06
C THR C 298 -3.66 0.05 -18.29
N LEU C 299 -4.56 -0.73 -18.90
CA LEU C 299 -4.27 -1.64 -19.97
C LEU C 299 -3.77 -0.92 -21.21
N ALA C 300 -4.49 0.13 -21.57
CA ALA C 300 -4.01 1.15 -22.52
C ALA C 300 -2.61 1.69 -22.28
N MET C 301 -2.20 1.89 -21.04
CA MET C 301 -0.82 2.29 -20.79
C MET C 301 0.14 1.11 -20.98
N SER C 302 -0.25 -0.08 -20.56
CA SER C 302 0.75 -1.13 -20.50
C SER C 302 0.91 -1.85 -21.84
N LYS C 303 -0.03 -1.62 -22.76
CA LYS C 303 0.03 -2.07 -24.16
C LYS C 303 1.29 -1.60 -24.91
N LYS C 304 1.77 -0.41 -24.58
CA LYS C 304 2.90 0.23 -25.27
C LYS C 304 4.16 -0.60 -25.19
N LEU C 305 4.87 -0.72 -26.30
CA LEU C 305 6.13 -1.42 -26.32
C LEU C 305 7.20 -0.68 -25.53
N MET C 306 7.84 -1.33 -24.57
CA MET C 306 8.98 -0.75 -23.84
C MET C 306 10.22 -0.63 -24.80
N PHE C 307 10.09 0.17 -25.86
CA PHE C 307 11.17 0.30 -26.87
C PHE C 307 11.92 1.58 -26.76
N PHE C 308 13.25 1.50 -26.81
CA PHE C 308 14.10 2.69 -26.56
C PHE C 308 15.33 2.70 -27.45
N SER C 309 15.84 3.90 -27.69
CA SER C 309 16.88 4.14 -28.65
C SER C 309 18.04 4.55 -27.83
N SER C 310 19.21 4.14 -28.28
CA SER C 310 20.44 4.36 -27.53
C SER C 310 21.34 5.30 -28.31
N ASP C 311 20.81 5.83 -29.42
CA ASP C 311 21.55 6.67 -30.35
C ASP C 311 22.28 7.79 -29.64
N LYS C 312 21.66 8.35 -28.61
CA LYS C 312 22.28 9.45 -27.91
C LYS C 312 23.54 8.99 -27.19
N ALA C 313 23.49 7.87 -26.49
CA ALA C 313 24.69 7.34 -25.84
C ALA C 313 25.75 6.91 -26.85
N LYS C 314 25.30 6.56 -28.05
CA LYS C 314 26.22 6.13 -29.08
C LYS C 314 27.01 7.32 -29.56
N LYS C 315 26.30 8.41 -29.87
CA LYS C 315 26.88 9.65 -30.37
C LYS C 315 27.71 10.42 -29.35
N GLU C 316 27.17 10.72 -28.17
CA GLU C 316 27.90 11.53 -27.17
C GLU C 316 29.01 10.74 -26.45
N LEU C 317 28.98 9.41 -26.52
CA LEU C 317 29.74 8.62 -25.52
C LEU C 317 30.48 7.42 -26.10
N GLY C 318 30.15 7.08 -27.34
CA GLY C 318 30.72 5.90 -28.00
C GLY C 318 30.31 4.64 -27.29
N TYR C 319 29.03 4.57 -26.98
CA TYR C 319 28.45 3.37 -26.44
C TYR C 319 28.22 2.45 -27.62
N ALA C 320 28.65 1.21 -27.47
CA ALA C 320 28.48 0.21 -28.51
C ALA C 320 28.12 -1.12 -27.82
N PRO C 321 26.83 -1.34 -27.62
CA PRO C 321 26.37 -2.53 -26.91
C PRO C 321 26.37 -3.72 -27.85
N ARG C 322 26.28 -4.92 -27.30
CA ARG C 322 26.25 -6.11 -28.15
C ARG C 322 24.84 -6.62 -28.41
N PRO C 323 24.69 -7.62 -29.30
CA PRO C 323 23.33 -8.12 -29.53
C PRO C 323 22.78 -8.85 -28.31
N ALA C 324 21.46 -8.98 -28.23
CA ALA C 324 20.81 -9.54 -27.03
C ALA C 324 21.25 -10.96 -26.83
N ARG C 325 21.55 -11.61 -27.95
CA ARG C 325 21.97 -13.00 -28.07
C ARG C 325 23.14 -13.31 -27.11
N ASP C 326 24.12 -12.41 -27.03
CA ASP C 326 25.25 -12.60 -26.13
C ASP C 326 24.86 -12.60 -24.67
N ALA C 327 24.00 -11.64 -24.30
CA ALA C 327 23.45 -11.50 -22.94
C ALA C 327 22.78 -12.76 -22.42
N VAL C 328 21.94 -13.33 -23.27
CA VAL C 328 21.18 -14.51 -22.91
C VAL C 328 22.11 -15.71 -22.78
N THR C 329 23.14 -15.72 -23.63
CA THR C 329 24.09 -16.79 -23.65
C THR C 329 24.94 -16.72 -22.38
N ASP C 330 25.37 -15.51 -22.01
CA ASP C 330 26.22 -15.38 -20.81
C ASP C 330 25.40 -15.74 -19.57
N ALA C 331 24.13 -15.37 -19.58
CA ALA C 331 23.25 -15.58 -18.45
C ALA C 331 22.91 -17.05 -18.23
N ILE C 332 22.52 -17.74 -19.29
CA ILE C 332 22.21 -19.17 -19.19
C ILE C 332 23.42 -20.01 -18.69
N ALA C 333 24.61 -19.80 -19.28
CA ALA C 333 25.86 -20.45 -18.80
C ALA C 333 25.98 -20.29 -17.29
N TRP C 334 25.86 -19.02 -16.84
CA TRP C 334 25.99 -18.72 -15.44
C TRP C 334 25.00 -19.52 -14.63
N PHE C 335 23.75 -19.58 -15.09
CA PHE C 335 22.69 -20.32 -14.41
C PHE C 335 23.03 -21.81 -14.35
N ARG C 336 23.44 -22.35 -15.51
CA ARG C 336 23.82 -23.76 -15.62
C ARG C 336 24.95 -24.15 -14.67
N GLN C 337 25.95 -23.29 -14.56
CA GLN C 337 27.10 -23.63 -13.74
C GLN C 337 26.82 -23.56 -12.25
N HIS C 338 25.85 -22.73 -11.88
CA HIS C 338 25.53 -22.58 -10.47
C HIS C 338 24.41 -23.52 -10.01
N GLY C 339 23.97 -24.40 -10.92
CA GLY C 339 23.06 -25.48 -10.57
C GLY C 339 21.61 -25.05 -10.38
N ARG C 340 21.18 -24.04 -11.13
CA ARG C 340 19.78 -23.62 -11.10
C ARG C 340 18.95 -24.04 -12.32
N MET C 341 19.46 -24.95 -13.14
CA MET C 341 18.71 -25.41 -14.30
C MET C 341 18.46 -26.92 -14.35
N LYS C 342 17.19 -27.28 -14.58
CA LYS C 342 16.68 -28.66 -14.46
C LYS C 342 17.45 -29.69 -15.30
#